data_6X5N
#
_entry.id   6X5N
#
_cell.length_a   43.299
_cell.length_b   76.182
_cell.length_c   110.523
_cell.angle_alpha   72.223
_cell.angle_beta   88.584
_cell.angle_gamma   86.569
#
_symmetry.space_group_name_H-M   'P 1'
#
loop_
_entity.id
_entity.type
_entity.pdbx_description
1 polymer 'Light chain Fab BL-3 6'
2 polymer 'Heavy chain Fab Bl-3 6'
3 polymer 'ggPAN RNA (39-MER)'
4 polymer 'ggcA9 RNA (12-MER)'
5 non-polymer 'SULFATE ION'
6 water water
#
loop_
_entity_poly.entity_id
_entity_poly.type
_entity_poly.pdbx_seq_one_letter_code
_entity_poly.pdbx_strand_id
1 'polypeptide(L)'
;SDIQMTQSPSSLSASVGDRVTITCRASQSVSSAVAWYQQKPGKAPKLLIYSASSLYSGVPSRFSGSRSGTDFTLTISSLQ
PEDFATYYCQQSYSFPSTFGQGTKVEIKRTVAAPSVFIFPPSDEQLKSGTASVVCLLNNFYPREAKVQWKVDNALQSGNS
QESVTEQDSKDSTYSLSSTLTLSKADYEKHKVYACEVTHQGLSSPVTKSFNRGEC
;
l,L
2 'polypeptide(L)'
;EVQLVESGGGLVQPGGSLRLSCAASGFYISYSSIHWVRQAPGKGLEWVASISPYSGSTYYADSVKGRFTISADTSKNTAY
LQMNSLRAEDTAVYYCARQGYRRRSGRGFDYWGQGTLVTVSSASTKGPSVFPLAPSSKSTSGGTAALGCLVKDYFPEPVT
VSWNSGALTSGVHTFPAVLQSSGLYSLSSVVTVPSSSLGTQTYICNVNHKPSNTKVDKKVEPKSC
;
h,H
3 'polyribonucleotide' GGGUUUUUCCUUCGAAACACGAAGGUUUUUAUCCCUGCCGGGUUUUUCCUUCGAAACACGAAGGUUUUUAUCCCUGCC R,r
4 'polyribonucleotide' GGCAAAAAAAAA A,a
#
loop_
_chem_comp.id
_chem_comp.type
_chem_comp.name
_chem_comp.formula
A RNA linking ADENOSINE-5'-MONOPHOSPHATE 'C10 H14 N5 O7 P'
C RNA linking CYTIDINE-5'-MONOPHOSPHATE 'C9 H14 N3 O8 P'
G RNA linking GUANOSINE-5'-MONOPHOSPHATE 'C10 H14 N5 O8 P'
SO4 non-polymer 'SULFATE ION' 'O4 S -2'
U RNA linking URIDINE-5'-MONOPHOSPHATE 'C9 H13 N2 O9 P'
#
# COMPACT_ATOMS: atom_id res chain seq x y z
N SER A 1 16.33 59.81 25.30
CA SER A 1 17.17 60.26 24.20
C SER A 1 17.71 59.11 23.35
N ASP A 2 16.82 58.21 22.89
CA ASP A 2 17.27 57.08 22.09
C ASP A 2 17.24 57.42 20.62
N ILE A 3 18.29 57.02 19.93
CA ILE A 3 18.42 57.31 18.51
C ILE A 3 17.62 56.28 17.74
N GLN A 4 16.89 56.72 16.72
CA GLN A 4 16.08 55.81 15.95
C GLN A 4 16.54 55.83 14.49
N MET A 5 16.65 54.66 13.89
CA MET A 5 17.10 54.57 12.51
C MET A 5 15.93 54.32 11.60
N THR A 6 15.87 55.08 10.53
CA THR A 6 14.77 55.07 9.58
C THR A 6 15.29 54.73 8.19
N GLN A 7 15.15 53.45 7.84
CA GLN A 7 15.62 52.88 6.60
C GLN A 7 14.60 53.04 5.48
N SER A 8 15.08 53.20 4.24
CA SER A 8 14.14 53.39 3.11
C SER A 8 14.60 52.72 1.83
N PRO A 9 13.78 51.87 1.21
CA PRO A 9 12.42 51.49 1.59
C PRO A 9 12.37 50.17 2.32
N SER A 10 11.12 49.73 2.56
CA SER A 10 10.89 48.45 3.21
C SER A 10 11.25 47.29 2.28
N SER A 11 11.07 47.50 0.97
CA SER A 11 11.31 46.54 -0.10
C SER A 11 11.63 47.27 -1.39
N LEU A 12 12.31 46.58 -2.30
CA LEU A 12 12.57 47.12 -3.64
C LEU A 12 13.02 46.00 -4.56
N SER A 13 12.87 46.19 -5.87
CA SER A 13 13.29 45.18 -6.85
C SER A 13 13.95 45.76 -8.09
N ALA A 14 15.17 45.29 -8.38
CA ALA A 14 15.96 45.71 -9.52
C ALA A 14 16.50 44.52 -10.31
N SER A 15 16.79 44.76 -11.58
CA SER A 15 17.35 43.74 -12.46
C SER A 15 18.83 43.52 -12.14
N VAL A 16 19.40 42.48 -12.74
CA VAL A 16 20.84 42.26 -12.59
C VAL A 16 21.61 43.32 -13.37
N GLY A 17 22.66 43.84 -12.76
CA GLY A 17 23.40 44.95 -13.30
C GLY A 17 22.81 46.31 -12.98
N ASP A 18 21.58 46.38 -12.48
CA ASP A 18 21.02 47.65 -12.05
C ASP A 18 21.83 48.19 -10.89
N ARG A 19 21.72 49.48 -10.64
CA ARG A 19 22.31 50.10 -9.46
C ARG A 19 21.18 50.32 -8.47
N VAL A 20 21.42 49.95 -7.20
CA VAL A 20 20.41 50.11 -6.15
C VAL A 20 21.01 50.80 -4.93
N THR A 21 20.19 51.66 -4.29
CA THR A 21 20.58 52.51 -3.16
C THR A 21 19.58 52.46 -2.01
N ILE A 22 20.06 52.11 -0.82
CA ILE A 22 19.29 52.13 0.43
C ILE A 22 19.76 53.31 1.28
N THR A 23 18.83 53.95 2.00
CA THR A 23 19.23 55.02 2.90
C THR A 23 18.63 54.86 4.29
N CYS A 24 19.38 55.32 5.28
CA CYS A 24 18.95 55.38 6.68
C CYS A 24 19.17 56.77 7.20
N ARG A 25 18.15 57.37 7.82
CA ARG A 25 18.33 58.66 8.46
C ARG A 25 18.26 58.48 9.96
N ALA A 26 19.07 59.25 10.66
CA ALA A 26 19.16 59.14 12.10
C ALA A 26 18.34 60.23 12.79
N SER A 27 17.64 59.82 13.86
CA SER A 27 16.95 60.72 14.76
C SER A 27 17.83 61.90 15.17
N GLN A 28 19.08 61.60 15.52
CA GLN A 28 20.05 62.62 15.92
C GLN A 28 21.45 62.12 15.56
N SER A 29 22.48 62.87 15.99
CA SER A 29 23.87 62.60 15.62
C SER A 29 24.35 61.22 16.02
N VAL A 30 24.95 60.50 15.05
CA VAL A 30 25.62 59.24 15.32
C VAL A 30 27.07 59.24 14.85
N SER A 31 27.60 60.42 14.54
CA SER A 31 28.97 60.52 14.02
C SER A 31 29.00 59.68 12.73
N SER A 32 30.06 58.90 12.50
CA SER A 32 30.08 57.92 11.43
C SER A 32 30.07 56.52 12.04
N ALA A 33 29.41 56.37 13.18
CA ALA A 33 29.36 55.10 13.90
C ALA A 33 28.21 54.24 13.40
N VAL A 34 28.20 54.00 12.10
CA VAL A 34 27.08 53.30 11.50
C VAL A 34 27.62 52.10 10.73
N ALA A 35 26.93 50.96 10.84
CA ALA A 35 27.34 49.76 10.14
C ALA A 35 26.19 49.23 9.32
N TRP A 36 26.50 48.53 8.24
CA TRP A 36 25.48 47.95 7.39
C TRP A 36 25.69 46.44 7.25
N TYR A 37 24.60 45.70 7.32
CA TYR A 37 24.60 44.25 7.26
C TYR A 37 23.78 43.72 6.08
N GLN A 38 24.12 42.53 5.63
CA GLN A 38 23.30 41.77 4.70
C GLN A 38 22.78 40.53 5.42
N GLN A 39 21.49 40.21 5.29
CA GLN A 39 20.98 38.99 5.89
C GLN A 39 20.22 38.19 4.86
N LYS A 40 20.77 37.03 4.49
CA LYS A 40 20.04 36.13 3.60
C LYS A 40 19.07 35.30 4.44
N PRO A 41 17.97 34.82 3.85
CA PRO A 41 16.87 34.28 4.67
C PRO A 41 17.34 33.17 5.58
N GLY A 42 17.02 33.30 6.86
CA GLY A 42 17.32 32.23 7.79
C GLY A 42 18.72 32.25 8.34
N LYS A 43 19.72 32.62 7.53
CA LYS A 43 21.07 32.62 8.06
C LYS A 43 21.34 33.92 8.84
N ALA A 44 22.46 33.97 9.55
CA ALA A 44 22.82 35.13 10.33
C ALA A 44 23.27 36.25 9.42
N PRO A 45 23.31 37.47 9.93
CA PRO A 45 23.75 38.62 9.12
C PRO A 45 25.25 38.64 8.90
N LYS A 46 25.66 39.51 7.97
CA LYS A 46 27.04 39.61 7.50
C LYS A 46 27.44 41.08 7.41
N LEU A 47 28.64 41.41 7.85
CA LEU A 47 29.01 42.82 7.87
C LEU A 47 29.42 43.24 6.46
N LEU A 48 28.81 44.34 5.97
CA LEU A 48 29.17 44.90 4.69
C LEU A 48 30.01 46.15 4.81
N ILE A 49 29.64 47.05 5.71
CA ILE A 49 30.29 48.35 5.79
C ILE A 49 30.35 48.66 7.26
N TYR A 50 31.52 49.08 7.74
CA TYR A 50 31.65 49.56 9.10
C TYR A 50 32.07 51.01 9.03
N SER A 51 31.86 51.74 10.12
CA SER A 51 32.24 53.15 10.19
C SER A 51 31.55 53.96 9.10
N ALA A 52 30.25 53.71 8.94
CA ALA A 52 29.40 54.42 8.00
C ALA A 52 29.81 54.22 6.54
N SER A 53 31.11 54.08 6.27
CA SER A 53 31.60 54.08 4.90
C SER A 53 32.72 53.10 4.58
N SER A 54 33.49 52.61 5.56
CA SER A 54 34.59 51.68 5.33
C SER A 54 34.10 50.27 4.98
N LEU A 55 34.80 49.63 4.04
CA LEU A 55 34.40 48.33 3.51
C LEU A 55 35.09 47.20 4.27
N TYR A 56 34.29 46.26 4.82
CA TYR A 56 34.78 45.21 5.69
C TYR A 56 35.63 44.20 4.94
N SER A 57 36.65 43.68 5.62
CA SER A 57 37.66 42.89 4.92
C SER A 57 37.04 41.61 4.37
N GLY A 58 36.89 41.55 3.05
CA GLY A 58 36.40 40.35 2.38
C GLY A 58 35.16 40.57 1.54
N VAL A 59 34.41 41.64 1.79
CA VAL A 59 33.19 41.96 1.04
C VAL A 59 33.55 42.37 -0.40
N PRO A 60 32.71 42.03 -1.40
CA PRO A 60 32.90 42.58 -2.76
C PRO A 60 33.01 44.10 -2.82
N SER A 61 33.52 44.62 -3.94
CA SER A 61 33.75 46.05 -4.06
C SER A 61 32.50 46.80 -4.44
N ARG A 62 31.47 46.08 -4.92
CA ARG A 62 30.27 46.72 -5.44
C ARG A 62 29.40 47.31 -4.35
N PHE A 63 29.63 46.96 -3.11
CA PHE A 63 28.92 47.57 -2.00
C PHE A 63 29.74 48.74 -1.49
N SER A 64 29.11 49.90 -1.32
CA SER A 64 29.77 51.01 -0.67
C SER A 64 28.76 51.74 0.19
N GLY A 65 29.27 52.44 1.17
CA GLY A 65 28.46 53.29 2.01
C GLY A 65 29.10 54.65 2.11
N SER A 66 28.26 55.65 2.36
CA SER A 66 28.72 57.00 2.59
C SER A 66 27.81 57.62 3.64
N ARG A 67 28.25 58.77 4.15
CA ARG A 67 27.50 59.50 5.15
C ARG A 67 27.41 60.97 4.72
N SER A 68 26.20 61.51 4.80
CA SER A 68 25.96 62.93 4.58
C SER A 68 25.28 63.50 5.83
N GLY A 69 26.07 63.82 6.85
CA GLY A 69 25.51 64.32 8.09
C GLY A 69 24.81 63.25 8.91
N THR A 70 23.49 63.18 8.81
CA THR A 70 22.72 62.09 9.40
C THR A 70 22.10 61.19 8.34
N ASP A 71 22.51 61.34 7.09
CA ASP A 71 21.91 60.60 6.00
C ASP A 71 22.91 59.59 5.50
N PHE A 72 22.57 58.33 5.67
CA PHE A 72 23.46 57.23 5.35
C PHE A 72 22.86 56.47 4.18
N THR A 73 23.65 56.28 3.16
CA THR A 73 23.21 55.48 2.04
C THR A 73 24.06 54.22 2.01
N LEU A 74 23.51 53.18 1.40
CA LEU A 74 24.25 51.95 1.11
C LEU A 74 23.96 51.59 -0.34
N THR A 75 25.00 51.58 -1.16
CA THR A 75 24.83 51.52 -2.61
C THR A 75 25.48 50.26 -3.17
N ILE A 76 24.79 49.56 -4.06
CA ILE A 76 25.30 48.32 -4.63
C ILE A 76 25.50 48.56 -6.12
N SER A 77 26.75 48.78 -6.54
CA SER A 77 26.97 49.39 -7.85
C SER A 77 26.39 48.53 -8.97
N SER A 78 26.66 47.23 -8.97
CA SER A 78 26.04 46.30 -9.90
C SER A 78 25.26 45.24 -9.14
N LEU A 79 23.94 45.21 -9.29
CA LEU A 79 23.20 44.13 -8.69
C LEU A 79 23.54 42.80 -9.37
N GLN A 80 23.58 41.73 -8.57
CA GLN A 80 23.85 40.37 -9.00
C GLN A 80 22.91 39.43 -8.27
N PRO A 81 22.65 38.25 -8.83
CA PRO A 81 21.61 37.38 -8.23
C PRO A 81 21.91 36.91 -6.82
N GLU A 82 23.18 36.63 -6.51
CA GLU A 82 23.70 36.34 -5.18
C GLU A 82 23.31 37.39 -4.14
N ASP A 83 22.71 38.50 -4.56
CA ASP A 83 22.54 39.65 -3.70
C ASP A 83 21.13 39.81 -3.19
N PHE A 84 20.21 38.95 -3.61
CA PHE A 84 18.89 38.95 -2.97
C PHE A 84 19.01 38.69 -1.48
N ALA A 85 18.74 39.68 -0.65
CA ALA A 85 18.91 39.55 0.78
C ALA A 85 18.07 40.61 1.48
N THR A 86 18.29 40.77 2.76
CA THR A 86 17.65 41.82 3.53
C THR A 86 18.76 42.63 4.22
N TYR A 87 18.71 43.93 4.06
CA TYR A 87 19.78 44.80 4.49
C TYR A 87 19.33 45.62 5.67
N TYR A 88 20.22 45.76 6.66
CA TYR A 88 19.93 46.48 7.89
C TYR A 88 21.02 47.50 8.09
N CYS A 89 20.67 48.61 8.71
CA CYS A 89 21.65 49.61 9.07
C CYS A 89 21.69 49.62 10.59
N GLN A 90 22.87 49.88 11.15
CA GLN A 90 23.02 49.82 12.59
C GLN A 90 23.81 51.03 13.04
N GLN A 91 23.30 51.73 14.05
CA GLN A 91 24.06 52.77 14.73
C GLN A 91 24.66 52.19 16.01
N SER A 92 25.93 52.42 16.24
CA SER A 92 26.56 51.95 17.47
C SER A 92 27.20 53.13 18.16
N TYR A 93 26.59 54.31 17.98
CA TYR A 93 27.11 55.56 18.50
C TYR A 93 26.93 55.67 20.01
N SER A 94 25.80 55.20 20.52
CA SER A 94 25.50 55.24 21.95
C SER A 94 24.61 54.08 22.35
N PHE A 95 24.53 53.83 23.66
CA PHE A 95 23.60 52.75 24.01
C PHE A 95 22.26 53.33 24.44
N PRO A 96 21.14 52.65 24.17
CA PRO A 96 21.02 51.42 23.40
C PRO A 96 21.20 51.63 21.92
N SER A 97 21.59 50.55 21.26
CA SER A 97 21.87 50.48 19.83
C SER A 97 20.58 50.21 19.01
N THR A 98 20.55 50.74 17.79
CA THR A 98 19.32 50.70 17.00
C THR A 98 19.58 50.30 15.55
N PHE A 99 18.78 49.37 15.04
CA PHE A 99 18.76 48.99 13.64
C PHE A 99 17.56 49.60 12.89
N GLY A 100 17.57 49.44 11.60
CA GLY A 100 16.44 49.85 10.81
C GLY A 100 15.44 48.74 10.71
N GLN A 101 14.26 49.07 10.22
CA GLN A 101 13.23 48.06 9.99
C GLN A 101 13.65 47.08 8.91
N GLY A 102 14.66 47.45 8.11
CA GLY A 102 15.19 46.55 7.09
C GLY A 102 14.65 46.72 5.68
N THR A 103 15.53 46.63 4.70
CA THR A 103 15.20 46.73 3.29
C THR A 103 15.34 45.37 2.63
N LYS A 104 14.30 44.87 1.98
CA LYS A 104 14.37 43.56 1.34
C LYS A 104 14.51 43.69 -0.16
N VAL A 105 15.74 43.52 -0.66
CA VAL A 105 16.01 43.63 -2.08
C VAL A 105 15.66 42.33 -2.79
N GLU A 106 14.66 42.37 -3.69
CA GLU A 106 14.36 41.29 -4.62
C GLU A 106 15.07 41.52 -5.96
N ILE A 107 15.02 40.53 -6.85
CA ILE A 107 15.73 40.62 -8.12
C ILE A 107 14.82 40.33 -9.31
N LYS A 108 15.01 41.11 -10.37
CA LYS A 108 14.25 41.01 -11.61
C LYS A 108 14.96 40.14 -12.63
N ARG A 109 14.25 39.15 -13.16
CA ARG A 109 14.75 38.21 -14.17
C ARG A 109 13.63 37.97 -15.17
N THR A 110 13.97 37.33 -16.27
CA THR A 110 12.97 37.07 -17.31
C THR A 110 11.88 36.16 -16.77
N VAL A 111 10.68 36.30 -17.33
CA VAL A 111 9.55 35.45 -16.94
C VAL A 111 9.91 33.98 -17.15
N ALA A 112 9.66 33.16 -16.13
CA ALA A 112 9.88 31.72 -16.20
C ALA A 112 8.63 31.02 -15.75
N ALA A 113 8.13 30.13 -16.60
CA ALA A 113 6.86 29.47 -16.36
C ALA A 113 7.01 28.30 -15.40
N PRO A 114 6.07 28.15 -14.46
CA PRO A 114 6.15 27.03 -13.52
C PRO A 114 5.91 25.70 -14.21
N SER A 115 6.57 24.68 -13.70
CA SER A 115 6.25 23.30 -14.04
C SER A 115 5.37 22.78 -12.91
N VAL A 116 4.16 22.34 -13.26
CA VAL A 116 3.09 22.15 -12.27
C VAL A 116 3.00 20.67 -11.94
N PHE A 117 2.64 20.36 -10.69
CA PHE A 117 2.52 18.98 -10.25
C PHE A 117 1.36 18.84 -9.28
N ILE A 118 0.78 17.64 -9.25
CA ILE A 118 -0.27 17.29 -8.30
C ILE A 118 0.07 15.94 -7.69
N PHE A 119 -0.19 15.80 -6.39
CA PHE A 119 0.06 14.56 -5.68
C PHE A 119 -1.22 14.05 -5.03
N PRO A 120 -1.57 12.79 -5.21
CA PRO A 120 -2.62 12.22 -4.41
C PRO A 120 -2.19 12.12 -2.98
N PRO A 121 -3.11 12.32 -2.03
CA PRO A 121 -2.76 12.11 -0.63
C PRO A 121 -2.37 10.66 -0.42
N SER A 122 -1.15 10.46 0.07
CA SER A 122 -0.70 9.13 0.43
C SER A 122 -1.72 8.49 1.33
N ASP A 123 -1.93 7.19 1.14
CA ASP A 123 -2.96 6.47 1.87
C ASP A 123 -2.52 6.14 3.30
N GLU A 124 -1.22 6.17 3.60
CA GLU A 124 -0.79 6.17 5.00
C GLU A 124 -1.47 7.31 5.75
N GLN A 125 -1.74 8.41 5.05
CA GLN A 125 -2.45 9.53 5.63
C GLN A 125 -3.95 9.30 5.60
N LEU A 126 -4.42 8.53 4.61
CA LEU A 126 -5.79 8.03 4.71
C LEU A 126 -5.91 6.97 5.78
N LYS A 127 -4.79 6.38 6.22
CA LYS A 127 -4.81 5.53 7.40
C LYS A 127 -5.19 6.32 8.65
N SER A 128 -5.16 7.64 8.58
CA SER A 128 -5.37 8.51 9.73
C SER A 128 -6.65 9.33 9.63
N GLY A 129 -7.48 9.11 8.61
CA GLY A 129 -8.73 9.82 8.43
C GLY A 129 -8.66 11.27 8.02
N THR A 130 -7.71 11.63 7.17
CA THR A 130 -7.58 13.01 6.71
C THR A 130 -6.91 12.96 5.34
N ALA A 131 -7.13 14.03 4.57
CA ALA A 131 -6.70 14.10 3.18
C ALA A 131 -5.84 15.33 2.94
N SER A 132 -4.76 15.15 2.17
CA SER A 132 -3.85 16.21 1.84
C SER A 132 -3.36 15.98 0.41
N VAL A 133 -4.24 16.28 -0.53
CA VAL A 133 -3.81 16.53 -1.89
C VAL A 133 -3.01 17.84 -1.89
N VAL A 134 -2.02 17.94 -2.77
CA VAL A 134 -1.05 19.02 -2.70
C VAL A 134 -0.55 19.35 -4.11
N CYS A 135 -0.51 20.64 -4.43
CA CYS A 135 -0.13 21.08 -5.77
C CYS A 135 1.17 21.90 -5.69
N LEU A 136 1.96 21.88 -6.78
CA LEU A 136 3.34 22.34 -6.77
C LEU A 136 3.69 23.18 -7.99
N LEU A 137 4.40 24.28 -7.76
CA LEU A 137 4.94 25.10 -8.82
C LEU A 137 6.45 25.23 -8.63
N ASN A 138 7.23 24.61 -9.51
CA ASN A 138 8.67 24.55 -9.36
C ASN A 138 9.37 25.56 -10.29
N ASN A 139 10.28 26.34 -9.72
CA ASN A 139 11.18 27.23 -10.46
C ASN A 139 10.43 28.12 -11.43
N PHE A 140 9.88 29.22 -10.94
CA PHE A 140 9.12 30.13 -11.79
C PHE A 140 9.38 31.56 -11.36
N TYR A 141 8.86 32.49 -12.18
CA TYR A 141 8.97 33.92 -11.95
C TYR A 141 7.93 34.60 -12.82
N PRO A 142 7.29 35.70 -12.38
CA PRO A 142 7.41 36.33 -11.05
C PRO A 142 6.65 35.61 -9.94
N ARG A 143 6.70 36.18 -8.72
CA ARG A 143 6.15 35.47 -7.57
C ARG A 143 4.65 35.34 -7.68
N GLU A 144 3.98 36.40 -8.17
CA GLU A 144 2.53 36.48 -8.14
C GLU A 144 1.92 35.47 -9.13
N ALA A 145 1.30 34.41 -8.62
CA ALA A 145 0.72 33.37 -9.46
C ALA A 145 -0.40 32.69 -8.67
N LYS A 146 -1.52 32.38 -9.35
CA LYS A 146 -2.76 32.00 -8.67
C LYS A 146 -3.18 30.56 -8.96
N VAL A 147 -3.42 29.81 -7.88
CA VAL A 147 -3.87 28.43 -7.89
C VAL A 147 -5.34 28.36 -7.54
N GLN A 148 -6.08 27.56 -8.31
CA GLN A 148 -7.48 27.27 -8.04
C GLN A 148 -7.63 25.76 -7.92
N TRP A 149 -8.44 25.33 -6.98
CA TRP A 149 -8.74 23.93 -6.78
C TRP A 149 -10.15 23.65 -7.30
N LYS A 150 -10.30 22.53 -7.97
CA LYS A 150 -11.61 22.06 -8.39
C LYS A 150 -11.79 20.66 -7.83
N VAL A 151 -13.04 20.32 -7.52
CA VAL A 151 -13.38 18.97 -7.06
C VAL A 151 -14.63 18.55 -7.79
N ASP A 152 -14.50 17.65 -8.76
CA ASP A 152 -15.61 17.30 -9.62
C ASP A 152 -16.16 18.56 -10.28
N ASN A 153 -15.24 19.38 -10.80
CA ASN A 153 -15.45 20.68 -11.44
C ASN A 153 -16.00 21.74 -10.48
N ALA A 154 -16.23 21.39 -9.22
CA ALA A 154 -16.69 22.36 -8.23
C ALA A 154 -15.50 23.16 -7.71
N LEU A 155 -15.48 24.44 -8.03
CA LEU A 155 -14.46 25.34 -7.52
C LEU A 155 -14.45 25.32 -5.99
N GLN A 156 -13.25 25.26 -5.41
CA GLN A 156 -13.11 25.20 -3.96
C GLN A 156 -12.46 26.48 -3.43
N SER A 157 -12.81 26.81 -2.19
CA SER A 157 -12.31 28.01 -1.55
C SER A 157 -12.34 27.84 -0.05
N GLY A 158 -11.42 28.54 0.62
CA GLY A 158 -11.31 28.59 2.07
C GLY A 158 -10.82 27.35 2.76
N ASN A 159 -10.15 26.45 2.05
CA ASN A 159 -9.66 25.20 2.63
C ASN A 159 -8.22 24.86 2.24
N SER A 160 -7.49 25.77 1.61
CA SER A 160 -6.18 25.51 1.03
C SER A 160 -5.15 26.49 1.55
N GLN A 161 -3.94 26.00 1.78
CA GLN A 161 -2.84 26.82 2.24
C GLN A 161 -1.73 26.83 1.20
N GLU A 162 -1.27 28.02 0.83
CA GLU A 162 -0.09 28.21 0.00
C GLU A 162 1.13 28.58 0.82
N SER A 163 2.28 28.10 0.36
CA SER A 163 3.58 28.44 0.93
C SER A 163 4.56 28.59 -0.23
N VAL A 164 5.46 29.57 -0.15
CA VAL A 164 6.39 29.88 -1.25
C VAL A 164 7.80 30.05 -0.72
N THR A 165 8.79 29.50 -1.44
CA THR A 165 10.17 29.60 -1.01
C THR A 165 10.65 31.03 -1.16
N GLU A 166 11.80 31.30 -0.57
CA GLU A 166 12.41 32.56 -0.90
C GLU A 166 12.93 32.48 -2.31
N GLN A 167 13.24 33.65 -2.87
CA GLN A 167 13.79 33.71 -4.22
C GLN A 167 15.09 32.95 -4.26
N ASP A 168 15.33 32.27 -5.38
CA ASP A 168 16.56 31.50 -5.54
C ASP A 168 17.78 32.41 -5.67
N SER A 169 18.86 32.01 -5.03
CA SER A 169 20.09 32.79 -5.02
C SER A 169 20.89 32.67 -6.32
N LYS A 170 20.57 31.71 -7.18
CA LYS A 170 21.31 31.49 -8.41
C LYS A 170 20.56 32.03 -9.62
N ASP A 171 19.38 31.49 -9.90
CA ASP A 171 18.58 31.98 -11.00
C ASP A 171 17.42 32.84 -10.55
N SER A 172 17.26 33.05 -9.25
CA SER A 172 16.25 33.96 -8.73
C SER A 172 14.83 33.55 -9.12
N THR A 173 14.57 32.26 -9.16
CA THR A 173 13.23 31.73 -9.33
C THR A 173 12.56 31.42 -7.97
N TYR A 174 11.23 31.37 -7.98
CA TYR A 174 10.43 31.03 -6.81
C TYR A 174 9.83 29.63 -6.96
N SER A 175 9.22 29.14 -5.88
CA SER A 175 8.47 27.87 -5.88
C SER A 175 7.38 27.95 -4.83
N LEU A 176 6.23 27.30 -5.11
CA LEU A 176 5.02 27.45 -4.31
C LEU A 176 4.41 26.08 -4.00
N SER A 177 3.79 25.98 -2.82
CA SER A 177 3.10 24.78 -2.34
C SER A 177 1.66 25.12 -1.99
N SER A 178 0.71 24.70 -2.82
CA SER A 178 -0.69 24.74 -2.45
C SER A 178 -1.11 23.39 -1.90
N THR A 179 -1.48 23.36 -0.62
CA THR A 179 -1.89 22.12 0.03
C THR A 179 -3.36 22.23 0.40
N LEU A 180 -4.19 21.38 -0.21
CA LEU A 180 -5.59 21.28 0.12
C LEU A 180 -5.76 20.22 1.20
N THR A 181 -6.38 20.61 2.30
CA THR A 181 -6.61 19.73 3.42
C THR A 181 -8.10 19.39 3.50
N LEU A 182 -8.42 18.09 3.53
CA LEU A 182 -9.81 17.64 3.64
C LEU A 182 -9.89 16.37 4.50
N SER A 183 -11.10 15.84 4.58
CA SER A 183 -11.41 14.67 5.37
C SER A 183 -11.19 13.40 4.55
N LYS A 184 -11.32 12.24 5.21
CA LYS A 184 -11.35 11.00 4.46
C LYS A 184 -12.69 10.83 3.76
N ALA A 185 -13.74 11.45 4.30
CA ALA A 185 -15.03 11.38 3.62
C ALA A 185 -14.96 12.06 2.26
N ASP A 186 -14.49 13.32 2.24
CA ASP A 186 -14.59 14.09 1.01
C ASP A 186 -13.62 13.60 -0.05
N TYR A 187 -12.62 12.79 0.32
CA TYR A 187 -11.67 12.29 -0.67
C TYR A 187 -12.25 11.10 -1.43
N GLU A 188 -12.78 10.11 -0.72
CA GLU A 188 -13.38 9.03 -1.47
C GLU A 188 -14.82 9.33 -1.87
N LYS A 189 -15.31 10.53 -1.53
CA LYS A 189 -16.65 10.94 -1.94
C LYS A 189 -16.68 11.37 -3.40
N HIS A 190 -15.82 12.31 -3.77
CA HIS A 190 -15.77 12.76 -5.14
C HIS A 190 -14.66 12.03 -5.89
N LYS A 191 -14.64 12.23 -7.21
CA LYS A 191 -13.82 11.46 -8.13
C LYS A 191 -12.60 12.21 -8.65
N VAL A 192 -12.78 13.38 -9.27
CA VAL A 192 -11.66 14.06 -9.91
C VAL A 192 -11.21 15.22 -9.01
N TYR A 193 -9.90 15.50 -9.05
CA TYR A 193 -9.26 16.54 -8.23
C TYR A 193 -8.38 17.47 -9.07
N ALA A 194 -8.97 18.54 -9.55
CA ALA A 194 -8.26 19.42 -10.48
C ALA A 194 -7.57 20.54 -9.72
N CYS A 195 -6.44 20.98 -10.27
CA CYS A 195 -5.67 22.08 -9.75
C CYS A 195 -5.27 22.90 -10.98
N GLU A 196 -5.83 24.09 -11.13
CA GLU A 196 -5.50 24.96 -12.25
C GLU A 196 -4.71 26.15 -11.74
N VAL A 197 -3.64 26.49 -12.47
CA VAL A 197 -2.82 27.66 -12.18
C VAL A 197 -2.80 28.58 -13.38
N THR A 198 -2.92 29.88 -13.11
CA THR A 198 -2.91 30.93 -14.13
C THR A 198 -1.67 31.79 -13.90
N HIS A 199 -0.72 31.73 -14.83
CA HIS A 199 0.52 32.48 -14.72
C HIS A 199 0.98 32.93 -16.11
N GLN A 200 1.99 33.81 -16.15
CA GLN A 200 2.32 34.56 -17.36
C GLN A 200 3.25 33.82 -18.31
N GLY A 201 3.79 32.68 -17.90
CA GLY A 201 4.32 31.76 -18.86
C GLY A 201 3.25 30.94 -19.53
N LEU A 202 1.99 31.24 -19.24
CA LEU A 202 0.85 30.47 -19.75
C LEU A 202 0.01 31.37 -20.63
N SER A 203 0.01 31.08 -21.94
CA SER A 203 -1.02 31.66 -22.80
C SER A 203 -2.38 31.46 -22.16
N SER A 204 -2.72 30.20 -21.89
CA SER A 204 -3.95 29.77 -21.26
C SER A 204 -3.63 29.09 -19.93
N PRO A 205 -4.54 29.15 -18.95
CA PRO A 205 -4.27 28.50 -17.66
C PRO A 205 -4.09 27.00 -17.81
N VAL A 206 -3.03 26.50 -17.19
CA VAL A 206 -2.67 25.09 -17.16
C VAL A 206 -3.29 24.43 -15.92
N THR A 207 -3.76 23.19 -16.09
CA THR A 207 -4.40 22.38 -15.04
C THR A 207 -3.82 20.97 -15.09
N LYS A 208 -3.47 20.43 -13.93
CA LYS A 208 -3.02 19.05 -13.83
C LYS A 208 -3.91 18.32 -12.84
N SER A 209 -4.05 17.00 -13.01
CA SER A 209 -4.95 16.28 -12.10
C SER A 209 -4.73 14.78 -12.23
N PHE A 210 -5.65 14.02 -11.61
CA PHE A 210 -5.71 12.57 -11.57
C PHE A 210 -7.13 12.19 -11.15
N ASN A 211 -7.37 10.89 -10.95
CA ASN A 211 -8.61 10.43 -10.37
C ASN A 211 -8.30 9.62 -9.12
N ARG A 212 -9.34 9.27 -8.37
CA ARG A 212 -9.16 8.60 -7.09
C ARG A 212 -9.23 7.09 -7.28
N GLY A 213 -8.29 6.37 -6.70
CA GLY A 213 -8.21 4.94 -6.97
C GLY A 213 -7.20 4.65 -8.06
N GLU A 214 -7.44 5.21 -9.24
CA GLU A 214 -6.57 5.01 -10.40
C GLU A 214 -5.38 5.94 -10.22
N CYS A 215 -4.37 5.44 -9.52
CA CYS A 215 -3.15 6.16 -9.31
C CYS A 215 -1.98 5.38 -9.91
N GLU B 1 37.97 30.55 11.04
CA GLU B 1 38.37 29.78 12.21
C GLU B 1 37.65 30.27 13.46
N VAL B 2 37.25 31.55 13.42
CA VAL B 2 36.45 32.14 14.49
C VAL B 2 35.00 31.73 14.31
N GLN B 3 34.31 31.49 15.42
CA GLN B 3 33.01 30.82 15.39
C GLN B 3 32.36 31.03 16.72
N LEU B 4 31.06 31.38 16.70
CA LEU B 4 30.19 31.49 17.86
C LEU B 4 29.05 30.50 17.69
N VAL B 5 28.77 29.78 18.76
CA VAL B 5 27.76 28.75 18.73
C VAL B 5 26.85 29.00 19.92
N GLU B 6 25.66 29.58 19.67
CA GLU B 6 24.65 29.73 20.70
C GLU B 6 23.85 28.46 20.82
N SER B 7 23.25 28.26 22.01
CA SER B 7 22.33 27.16 22.30
C SER B 7 21.55 27.43 23.59
N GLY B 8 20.51 26.64 23.79
CA GLY B 8 19.73 26.66 25.02
C GLY B 8 18.32 27.18 24.89
N GLY B 9 17.94 27.71 23.74
CA GLY B 9 16.58 28.13 23.51
C GLY B 9 15.64 26.97 23.29
N GLY B 10 14.39 27.31 23.04
CA GLY B 10 13.41 26.26 22.80
C GLY B 10 12.03 26.78 23.12
N LEU B 11 11.17 25.86 23.55
CA LEU B 11 9.81 26.20 23.92
C LEU B 11 9.78 26.47 25.41
N VAL B 12 9.28 27.64 25.78
CA VAL B 12 9.10 27.96 27.19
C VAL B 12 7.79 28.70 27.38
N GLN B 13 7.17 28.50 28.58
CA GLN B 13 5.84 29.02 28.85
C GLN B 13 5.90 30.38 29.50
N PRO B 14 4.86 31.18 29.26
CA PRO B 14 4.87 32.58 29.71
C PRO B 14 5.05 32.72 31.21
N GLY B 15 5.88 33.69 31.59
CA GLY B 15 6.39 33.80 32.95
C GLY B 15 7.64 32.97 33.20
N GLY B 16 7.96 32.06 32.29
CA GLY B 16 9.06 31.14 32.49
C GLY B 16 10.41 31.80 32.33
N SER B 17 11.45 31.01 32.58
CA SER B 17 12.85 31.45 32.52
C SER B 17 13.70 30.49 31.72
N LEU B 18 14.69 31.05 31.01
CA LEU B 18 15.68 30.34 30.23
C LEU B 18 17.08 30.88 30.48
N ARG B 19 18.08 30.06 30.14
CA ARG B 19 19.45 30.54 29.97
C ARG B 19 19.97 30.11 28.61
N LEU B 20 20.40 31.09 27.81
CA LEU B 20 21.16 30.85 26.60
C LEU B 20 22.64 30.95 26.92
N SER B 21 23.44 30.27 26.12
CA SER B 21 24.89 30.43 26.19
C SER B 21 25.45 30.59 24.77
N CYS B 22 26.68 31.09 24.70
CA CYS B 22 27.36 31.38 23.46
C CYS B 22 28.77 30.84 23.59
N ALA B 23 29.07 29.75 22.89
CA ALA B 23 30.39 29.13 23.00
C ALA B 23 31.30 29.70 21.93
N ALA B 24 32.32 30.40 22.37
CA ALA B 24 33.25 30.96 21.43
C ALA B 24 34.35 29.95 21.12
N SER B 25 34.78 29.95 19.87
CA SER B 25 35.98 29.26 19.45
C SER B 25 36.61 30.13 18.38
N GLY B 26 37.94 30.11 18.32
CA GLY B 26 38.69 30.90 17.39
C GLY B 26 39.28 32.17 17.96
N PHE B 27 38.80 32.62 19.12
CA PHE B 27 39.28 33.88 19.69
C PHE B 27 38.81 33.96 21.14
N TYR B 28 39.47 34.78 21.96
CA TYR B 28 39.17 34.83 23.38
C TYR B 28 38.19 35.96 23.64
N ILE B 29 37.07 35.62 24.29
CA ILE B 29 36.00 36.60 24.49
C ILE B 29 36.41 37.76 25.40
N SER B 30 37.51 37.63 26.13
CA SER B 30 37.78 38.71 27.06
C SER B 30 38.17 40.01 26.37
N TYR B 31 38.60 39.98 25.10
CA TYR B 31 39.15 41.18 24.48
C TYR B 31 38.22 41.81 23.43
N SER B 32 36.95 41.45 23.43
CA SER B 32 35.99 42.15 22.62
C SER B 32 34.72 42.37 23.44
N SER B 33 33.80 43.11 22.82
CA SER B 33 32.47 43.30 23.35
C SER B 33 31.60 42.25 22.69
N ILE B 34 30.82 41.55 23.51
CA ILE B 34 29.89 40.52 23.05
C ILE B 34 28.50 41.06 23.26
N HIS B 35 27.64 40.89 22.27
CA HIS B 35 26.30 41.44 22.35
C HIS B 35 25.30 40.36 22.03
N TRP B 36 24.10 40.52 22.52
CA TRP B 36 23.05 39.65 22.04
C TRP B 36 22.04 40.46 21.22
N VAL B 37 21.71 39.95 20.04
CA VAL B 37 20.80 40.58 19.11
C VAL B 37 19.70 39.59 18.76
N ARG B 38 18.46 39.95 19.07
CA ARG B 38 17.37 39.04 18.75
C ARG B 38 16.63 39.52 17.52
N GLN B 39 15.93 38.57 16.90
CA GLN B 39 15.16 38.76 15.66
C GLN B 39 13.86 37.96 15.72
N ALA B 40 12.71 38.66 15.81
CA ALA B 40 11.39 38.04 15.83
C ALA B 40 11.12 37.29 14.53
N PRO B 41 10.16 36.35 14.52
CA PRO B 41 9.88 35.61 13.29
C PRO B 41 9.39 36.53 12.20
N GLY B 42 10.20 36.69 11.16
CA GLY B 42 9.84 37.49 10.01
C GLY B 42 9.93 38.99 10.22
N LYS B 43 10.21 39.46 11.41
CA LYS B 43 10.37 40.88 11.60
C LYS B 43 11.87 41.18 11.65
N GLY B 44 12.26 42.37 12.13
CA GLY B 44 13.65 42.81 12.03
C GLY B 44 14.46 42.56 13.30
N LEU B 45 15.75 42.91 13.23
CA LEU B 45 16.66 42.68 14.33
C LEU B 45 16.49 43.73 15.43
N GLU B 46 16.89 43.33 16.65
CA GLU B 46 16.79 44.19 17.82
C GLU B 46 17.92 43.88 18.77
N TRP B 47 18.72 44.90 19.13
CA TRP B 47 19.77 44.71 20.13
C TRP B 47 19.15 44.45 21.49
N VAL B 48 19.81 43.62 22.29
CA VAL B 48 19.28 43.17 23.58
C VAL B 48 20.22 43.52 24.72
N ALA B 49 21.48 43.11 24.60
CA ALA B 49 22.47 43.37 25.64
C ALA B 49 23.83 43.42 24.99
N SER B 50 24.80 43.81 25.80
CA SER B 50 26.21 43.68 25.42
C SER B 50 27.03 43.77 26.67
N ILE B 51 28.20 43.17 26.65
CA ILE B 51 29.15 43.37 27.74
C ILE B 51 30.47 43.71 27.09
N SER B 52 31.07 44.64 27.57
CA SER B 52 32.28 45.24 27.09
C SER B 52 33.48 44.70 27.88
N PRO B 53 34.67 44.68 27.31
CA PRO B 53 35.78 43.96 27.94
C PRO B 53 36.37 44.74 29.11
N TYR B 54 37.22 44.01 29.87
CA TYR B 54 38.04 44.54 30.96
C TYR B 54 37.24 45.09 32.13
N SER B 55 36.30 45.98 31.82
CA SER B 55 35.36 46.49 32.83
C SER B 55 34.29 45.48 33.17
N GLY B 56 33.88 44.66 32.19
CA GLY B 56 32.77 43.76 32.41
C GLY B 56 31.42 44.44 32.48
N SER B 57 31.37 45.71 32.09
CA SER B 57 30.14 46.47 32.14
C SER B 57 29.18 46.01 31.07
N THR B 58 27.91 46.03 31.42
CA THR B 58 26.83 45.48 30.64
C THR B 58 25.87 46.60 30.29
N TYR B 59 25.09 46.40 29.24
CA TYR B 59 24.02 47.34 28.97
C TYR B 59 22.90 46.59 28.30
N TYR B 60 21.68 47.10 28.46
CA TYR B 60 20.51 46.34 28.02
C TYR B 60 19.54 47.25 27.28
N ALA B 61 18.83 46.67 26.32
CA ALA B 61 17.74 47.37 25.67
C ALA B 61 16.67 47.73 26.71
N ASP B 62 15.89 48.80 26.43
CA ASP B 62 14.81 49.11 27.36
C ASP B 62 13.78 47.99 27.42
N SER B 63 13.71 47.17 26.36
CA SER B 63 12.73 46.09 26.25
C SER B 63 12.93 45.01 27.29
N VAL B 64 14.13 44.90 27.86
CA VAL B 64 14.48 43.72 28.61
C VAL B 64 15.26 44.05 29.88
N LYS B 65 15.43 45.31 30.21
CA LYS B 65 16.11 45.51 31.47
C LYS B 65 15.17 45.11 32.59
N GLY B 66 15.76 44.69 33.71
CA GLY B 66 15.07 44.11 34.81
C GLY B 66 14.87 42.62 34.67
N ARG B 67 14.75 42.13 33.44
CA ARG B 67 14.43 40.75 33.22
C ARG B 67 15.61 39.95 32.72
N PHE B 68 16.44 40.58 31.90
CA PHE B 68 17.54 39.91 31.23
C PHE B 68 18.84 40.35 31.87
N THR B 69 19.83 39.48 31.74
CA THR B 69 21.11 39.68 32.44
C THR B 69 22.23 38.90 31.77
N ILE B 70 23.24 39.63 31.28
CA ILE B 70 24.27 39.09 30.41
C ILE B 70 25.55 38.93 31.21
N SER B 71 26.15 37.74 31.15
CA SER B 71 27.38 37.52 31.87
C SER B 71 28.38 36.88 30.93
N ALA B 72 29.63 36.91 31.34
CA ALA B 72 30.67 36.26 30.57
C ALA B 72 31.48 35.42 31.52
N ASP B 73 31.89 34.24 31.05
CA ASP B 73 32.84 33.38 31.75
C ASP B 73 34.09 33.28 30.88
N THR B 74 35.15 34.00 31.25
CA THR B 74 36.35 34.00 30.41
C THR B 74 37.08 32.66 30.40
N SER B 75 36.86 31.81 31.39
CA SER B 75 37.56 30.55 31.37
C SER B 75 36.93 29.60 30.36
N LYS B 76 35.61 29.43 30.45
CA LYS B 76 34.91 28.60 29.48
C LYS B 76 34.76 29.28 28.13
N ASN B 77 35.30 30.49 27.99
CA ASN B 77 35.21 31.26 26.76
C ASN B 77 33.78 31.21 26.26
N THR B 78 32.86 31.52 27.17
CA THR B 78 31.42 31.51 26.97
C THR B 78 30.81 32.79 27.53
N ALA B 79 29.85 33.34 26.79
CA ALA B 79 28.97 34.39 27.28
C ALA B 79 27.56 33.83 27.36
N TYR B 80 26.80 34.30 28.35
CA TYR B 80 25.52 33.70 28.70
C TYR B 80 24.47 34.79 28.72
N LEU B 81 23.18 34.40 28.69
CA LEU B 81 22.09 35.38 28.83
C LEU B 81 20.96 34.76 29.62
N GLN B 82 20.88 35.05 30.91
CA GLN B 82 19.78 34.56 31.74
C GLN B 82 18.56 35.41 31.48
N MET B 83 17.43 34.75 31.25
CA MET B 83 16.20 35.39 30.85
C MET B 83 15.09 35.04 31.83
N ASN B 84 14.62 36.01 32.61
CA ASN B 84 13.48 35.74 33.49
C ASN B 84 12.21 36.47 33.06
N SER B 85 11.08 36.02 33.60
CA SER B 85 9.78 36.65 33.38
C SER B 85 9.45 36.72 31.87
N LEU B 86 9.65 35.60 31.18
CA LEU B 86 9.50 35.58 29.74
C LEU B 86 8.06 35.80 29.31
N ARG B 87 7.89 36.60 28.24
CA ARG B 87 6.60 37.04 27.69
C ARG B 87 6.53 36.70 26.22
N ALA B 88 5.29 36.57 25.71
CA ALA B 88 5.07 36.18 24.32
C ALA B 88 5.81 37.10 23.37
N GLU B 89 5.92 38.37 23.73
CA GLU B 89 6.67 39.28 22.90
C GLU B 89 8.12 38.89 22.76
N ASP B 90 8.66 38.09 23.68
CA ASP B 90 10.07 37.70 23.63
C ASP B 90 10.37 36.51 22.72
N THR B 91 9.39 35.91 22.05
CA THR B 91 9.64 34.84 21.10
C THR B 91 10.51 35.21 19.91
N ALA B 92 11.73 34.72 19.83
CA ALA B 92 12.53 35.08 18.67
C ALA B 92 13.71 34.13 18.50
N VAL B 93 14.46 34.37 17.43
CA VAL B 93 15.80 33.85 17.24
C VAL B 93 16.79 34.78 17.93
N TYR B 94 17.73 34.22 18.70
CA TYR B 94 18.70 35.01 19.47
C TYR B 94 20.12 34.82 18.94
N TYR B 95 20.76 35.91 18.50
CA TYR B 95 22.12 35.86 17.97
C TYR B 95 23.10 36.44 18.98
N CYS B 96 24.29 35.83 19.10
CA CYS B 96 25.38 36.52 19.79
C CYS B 96 26.39 37.00 18.77
N ALA B 97 26.88 38.19 18.99
CA ALA B 97 27.76 38.81 18.02
C ALA B 97 29.02 39.28 18.72
N ARG B 98 30.14 39.22 18.02
CA ARG B 98 31.35 39.85 18.54
C ARG B 98 31.50 41.20 17.87
N GLN B 99 31.84 42.21 18.67
CA GLN B 99 32.23 43.50 18.14
C GLN B 99 33.65 43.40 17.62
N GLY B 100 33.84 43.70 16.34
CA GLY B 100 35.15 43.54 15.71
C GLY B 100 36.29 44.32 16.35
N TYR B 101 37.49 44.23 15.78
CA TYR B 101 38.59 44.96 16.38
C TYR B 101 38.56 46.41 15.91
N ARG B 102 38.83 47.33 16.85
CA ARG B 102 38.58 48.75 16.63
C ARG B 102 39.22 49.20 15.35
N ARG B 103 40.46 48.80 15.13
CA ARG B 103 41.11 49.13 13.88
C ARG B 103 40.48 48.35 12.73
N ARG B 104 40.14 47.09 12.95
CA ARG B 104 39.71 46.24 11.85
C ARG B 104 38.29 46.53 11.36
N SER B 105 37.45 47.20 12.17
CA SER B 105 36.03 47.32 11.85
C SER B 105 35.21 48.18 12.83
N GLY B 106 35.87 48.98 13.65
CA GLY B 106 35.11 49.85 14.54
C GLY B 106 34.16 49.07 15.41
N ARG B 107 32.92 49.56 15.46
CA ARG B 107 31.86 48.99 16.30
C ARG B 107 31.01 48.03 15.50
N GLY B 108 31.48 47.65 14.32
CA GLY B 108 30.76 46.70 13.54
C GLY B 108 30.80 45.34 14.20
N PHE B 109 29.77 44.57 13.95
CA PHE B 109 29.70 43.20 14.45
C PHE B 109 30.19 42.28 13.33
N ASP B 110 31.38 41.70 13.50
CA ASP B 110 32.04 41.00 12.40
C ASP B 110 31.78 39.48 12.37
N TYR B 111 31.39 38.83 13.48
CA TYR B 111 31.01 37.41 13.44
C TYR B 111 29.73 37.18 14.25
N TRP B 112 28.84 36.37 13.71
CA TRP B 112 27.57 36.12 14.35
C TRP B 112 27.30 34.65 14.56
N GLY B 113 26.74 34.30 15.69
CA GLY B 113 26.25 32.96 15.82
C GLY B 113 25.16 32.69 14.82
N GLN B 114 24.82 31.41 14.66
CA GLN B 114 23.76 31.05 13.73
C GLN B 114 22.40 31.23 14.36
N GLY B 115 22.35 31.57 15.64
CA GLY B 115 21.13 31.93 16.33
C GLY B 115 20.41 30.75 16.92
N THR B 116 19.80 30.95 18.09
CA THR B 116 19.01 29.92 18.76
C THR B 116 17.58 30.44 18.94
N LEU B 117 16.61 29.65 18.53
CA LEU B 117 15.23 30.10 18.53
C LEU B 117 14.60 29.85 19.88
N VAL B 118 13.99 30.90 20.45
CA VAL B 118 13.20 30.84 21.68
C VAL B 118 11.73 31.04 21.34
N THR B 119 10.89 30.07 21.70
CA THR B 119 9.44 30.12 21.55
C THR B 119 8.75 30.28 22.90
N VAL B 120 8.04 31.38 23.10
CA VAL B 120 7.30 31.61 24.34
C VAL B 120 5.84 31.29 24.09
N SER B 121 5.33 30.24 24.70
CA SER B 121 3.99 29.79 24.39
C SER B 121 3.45 28.99 25.55
N SER B 122 2.13 28.92 25.62
CA SER B 122 1.48 28.03 26.57
C SER B 122 1.28 26.64 26.01
N ALA B 123 1.38 26.47 24.70
CA ALA B 123 1.19 25.17 24.08
C ALA B 123 2.28 24.17 24.47
N SER B 124 1.96 22.91 24.25
CA SER B 124 2.87 21.80 24.48
C SER B 124 3.19 21.18 23.13
N THR B 125 4.34 20.52 23.10
CA THR B 125 5.01 20.15 21.86
C THR B 125 4.42 18.90 21.24
N LYS B 126 4.42 18.88 19.92
CA LYS B 126 3.99 17.68 19.22
C LYS B 126 4.94 17.49 18.04
N GLY B 127 5.39 16.26 17.84
CA GLY B 127 6.18 15.94 16.68
C GLY B 127 5.29 15.66 15.50
N PRO B 128 5.88 15.69 14.30
CA PRO B 128 5.09 15.56 13.07
C PRO B 128 4.83 14.11 12.67
N SER B 129 3.76 13.94 11.93
CA SER B 129 3.54 12.71 11.18
C SER B 129 3.82 13.07 9.73
N VAL B 130 4.67 12.27 9.09
CA VAL B 130 5.23 12.60 7.78
C VAL B 130 4.74 11.60 6.75
N PHE B 131 4.19 12.11 5.65
CA PHE B 131 3.57 11.32 4.60
C PHE B 131 4.23 11.56 3.25
N PRO B 132 4.59 10.52 2.50
CA PRO B 132 5.23 10.73 1.20
C PRO B 132 4.25 11.18 0.12
N LEU B 133 4.76 12.03 -0.78
CA LEU B 133 4.05 12.53 -1.94
C LEU B 133 4.65 11.83 -3.15
N ALA B 134 3.85 10.98 -3.79
CA ALA B 134 4.44 10.08 -4.77
C ALA B 134 4.25 10.59 -6.19
N PRO B 135 5.24 10.41 -7.07
CA PRO B 135 5.05 10.82 -8.47
C PRO B 135 4.03 9.92 -9.14
N SER B 136 2.90 10.49 -9.54
CA SER B 136 1.74 9.74 -10.00
C SER B 136 1.70 9.70 -11.52
N SER B 137 1.62 8.50 -12.06
CA SER B 137 1.63 8.30 -13.50
C SER B 137 0.71 7.13 -13.82
N LYS B 138 -0.04 7.25 -14.93
CA LYS B 138 -0.84 6.16 -15.47
C LYS B 138 -0.31 5.68 -16.83
N SER B 139 0.90 6.10 -17.21
CA SER B 139 1.58 5.65 -18.42
C SER B 139 3.08 5.51 -18.15
N THR B 140 3.93 5.68 -19.17
CA THR B 140 5.36 5.47 -18.99
C THR B 140 6.07 6.69 -18.40
N SER B 141 7.14 6.41 -17.64
CA SER B 141 7.80 7.41 -16.82
C SER B 141 9.23 7.68 -17.29
N GLY B 142 9.41 8.10 -18.54
CA GLY B 142 10.71 8.52 -19.01
C GLY B 142 10.98 10.02 -19.15
N GLY B 143 10.76 10.83 -18.11
CA GLY B 143 11.05 12.26 -18.13
C GLY B 143 11.79 12.71 -16.88
N THR B 144 11.49 13.93 -16.44
CA THR B 144 11.85 14.38 -15.09
C THR B 144 10.57 14.56 -14.29
N ALA B 145 10.51 13.96 -13.10
CA ALA B 145 9.32 14.02 -12.28
C ALA B 145 9.72 14.24 -10.82
N ALA B 146 8.80 14.84 -10.06
CA ALA B 146 9.07 15.32 -8.72
C ALA B 146 8.40 14.44 -7.65
N LEU B 147 8.92 14.55 -6.43
CA LEU B 147 8.42 13.75 -5.32
C LEU B 147 8.83 14.43 -4.03
N GLY B 148 8.11 14.11 -2.95
CA GLY B 148 8.43 14.79 -1.70
C GLY B 148 7.69 14.24 -0.51
N CYS B 149 8.12 14.72 0.65
CA CYS B 149 7.56 14.36 1.94
C CYS B 149 6.67 15.50 2.40
N LEU B 150 5.50 15.16 2.91
CA LEU B 150 4.65 16.09 3.62
C LEU B 150 4.89 15.90 5.11
N VAL B 151 5.05 16.99 5.83
CA VAL B 151 5.36 16.99 7.25
C VAL B 151 4.23 17.74 7.94
N LYS B 152 3.28 17.03 8.54
CA LYS B 152 2.05 17.67 8.98
C LYS B 152 1.97 17.60 10.49
N ASP B 153 1.35 18.64 11.07
CA ASP B 153 0.95 18.67 12.47
C ASP B 153 2.10 18.54 13.45
N TYR B 154 2.76 19.65 13.78
CA TYR B 154 3.77 19.62 14.83
C TYR B 154 3.87 20.99 15.45
N PHE B 155 4.58 21.06 16.58
CA PHE B 155 4.82 22.31 17.27
C PHE B 155 5.93 22.11 18.32
N PRO B 156 6.84 23.07 18.49
CA PRO B 156 7.04 24.26 17.65
C PRO B 156 7.95 24.06 16.48
N GLU B 157 8.21 25.15 15.78
CA GLU B 157 9.30 25.16 14.84
C GLU B 157 10.57 24.91 15.65
N PRO B 158 11.63 24.39 15.01
CA PRO B 158 11.79 24.00 13.61
C PRO B 158 11.87 22.49 13.32
N VAL B 159 11.75 22.11 12.05
CA VAL B 159 12.12 20.77 11.62
C VAL B 159 13.23 20.91 10.59
N THR B 160 13.99 19.84 10.43
CA THR B 160 15.13 19.81 9.52
C THR B 160 14.99 18.59 8.63
N VAL B 161 14.83 18.80 7.33
CA VAL B 161 14.67 17.69 6.39
C VAL B 161 15.92 17.59 5.52
N SER B 162 16.28 16.36 5.16
CA SER B 162 17.52 16.08 4.43
C SER B 162 17.27 14.88 3.54
N TRP B 163 17.44 15.03 2.24
CA TRP B 163 17.17 13.90 1.36
C TRP B 163 18.37 12.97 1.27
N ASN B 164 18.12 11.69 1.56
CA ASN B 164 19.14 10.64 1.56
C ASN B 164 20.34 11.03 2.41
N SER B 165 20.04 11.61 3.59
CA SER B 165 21.03 11.94 4.61
C SER B 165 22.08 12.93 4.09
N GLY B 166 21.66 13.86 3.23
CA GLY B 166 22.54 14.87 2.69
C GLY B 166 23.12 14.57 1.31
N ALA B 167 22.84 13.40 0.73
CA ALA B 167 23.41 13.06 -0.57
C ALA B 167 22.76 13.84 -1.69
N LEU B 168 21.56 14.35 -1.47
CA LEU B 168 20.74 14.99 -2.51
C LEU B 168 20.51 16.45 -2.17
N THR B 169 21.08 17.36 -2.98
CA THR B 169 20.96 18.79 -2.77
C THR B 169 20.45 19.56 -3.99
N SER B 170 20.78 19.10 -5.20
CA SER B 170 20.37 19.83 -6.38
C SER B 170 18.85 19.83 -6.51
N GLY B 171 18.25 21.00 -6.65
CA GLY B 171 16.83 21.04 -6.87
C GLY B 171 15.98 20.61 -5.69
N VAL B 172 16.49 20.72 -4.48
CA VAL B 172 15.69 20.47 -3.28
C VAL B 172 15.06 21.78 -2.84
N HIS B 173 13.79 21.72 -2.44
CA HIS B 173 13.03 22.89 -1.99
C HIS B 173 12.25 22.55 -0.73
N THR B 174 12.76 22.95 0.43
CA THR B 174 12.01 22.79 1.67
C THR B 174 11.21 24.07 1.91
N PHE B 175 9.88 23.97 1.82
CA PHE B 175 9.01 25.13 1.96
C PHE B 175 8.96 25.60 3.40
N PRO B 176 8.71 26.89 3.61
CA PRO B 176 8.56 27.39 4.96
C PRO B 176 7.30 26.81 5.60
N ALA B 177 7.41 26.48 6.87
CA ALA B 177 6.25 25.97 7.57
C ALA B 177 5.18 27.03 7.59
N VAL B 178 3.98 26.63 7.25
CA VAL B 178 2.80 27.44 7.50
C VAL B 178 2.06 26.85 8.68
N LEU B 179 1.34 27.70 9.40
CA LEU B 179 0.70 27.37 10.66
C LEU B 179 -0.78 27.18 10.40
N GLN B 180 -1.28 25.97 10.66
CA GLN B 180 -2.67 25.66 10.36
C GLN B 180 -3.55 26.17 11.48
N SER B 181 -4.85 26.30 11.19
CA SER B 181 -5.78 26.69 12.24
C SER B 181 -5.61 25.83 13.49
N SER B 182 -5.16 24.59 13.30
CA SER B 182 -4.93 23.67 14.39
C SER B 182 -3.97 24.22 15.44
N GLY B 183 -3.17 25.23 15.09
CA GLY B 183 -2.11 25.70 15.94
C GLY B 183 -0.80 24.96 15.78
N LEU B 184 -0.76 23.92 14.95
CA LEU B 184 0.43 23.16 14.61
C LEU B 184 0.98 23.56 13.25
N TYR B 185 2.26 23.27 13.04
CA TYR B 185 2.92 23.62 11.78
C TYR B 185 2.87 22.42 10.83
N SER B 186 3.09 22.71 9.55
CA SER B 186 3.10 21.66 8.52
C SER B 186 3.72 22.23 7.25
N LEU B 187 4.66 21.49 6.66
CA LEU B 187 5.37 21.97 5.47
C LEU B 187 5.66 20.80 4.55
N SER B 188 6.21 21.12 3.39
CA SER B 188 6.45 20.13 2.37
C SER B 188 7.86 20.30 1.88
N SER B 189 8.55 19.20 1.67
CA SER B 189 9.87 19.25 1.07
C SER B 189 9.83 18.47 -0.22
N VAL B 190 10.36 19.06 -1.28
CA VAL B 190 10.28 18.52 -2.62
C VAL B 190 11.69 18.52 -3.19
N VAL B 191 11.97 17.54 -4.04
CA VAL B 191 13.24 17.48 -4.74
C VAL B 191 12.96 16.99 -6.15
N THR B 192 13.69 17.54 -7.12
CA THR B 192 13.53 17.22 -8.52
C THR B 192 14.77 16.49 -9.05
N VAL B 193 14.52 15.48 -9.89
CA VAL B 193 15.55 14.71 -10.59
C VAL B 193 14.94 14.21 -11.90
N PRO B 194 15.74 13.94 -12.92
CA PRO B 194 15.22 13.23 -14.09
C PRO B 194 14.82 11.82 -13.68
N SER B 195 13.59 11.44 -14.05
CA SER B 195 13.07 10.12 -13.73
C SER B 195 13.86 9.00 -14.38
N SER B 196 14.76 9.33 -15.30
CA SER B 196 15.64 8.33 -15.91
C SER B 196 16.37 7.52 -14.84
N SER B 197 16.64 8.12 -13.68
CA SER B 197 17.33 7.44 -12.59
C SER B 197 16.40 7.16 -11.42
N LEU B 198 15.09 7.08 -11.67
CA LEU B 198 14.13 6.81 -10.61
C LEU B 198 14.24 5.37 -10.10
N GLY B 199 14.26 4.40 -11.02
CA GLY B 199 14.17 3.00 -10.62
C GLY B 199 15.43 2.44 -9.99
N THR B 200 16.56 3.12 -10.16
CA THR B 200 17.85 2.66 -9.65
C THR B 200 18.24 3.27 -8.31
N GLN B 201 17.65 4.40 -7.94
CA GLN B 201 18.06 5.11 -6.76
C GLN B 201 16.92 5.11 -5.76
N THR B 202 17.25 5.42 -4.50
CA THR B 202 16.28 5.41 -3.42
C THR B 202 16.11 6.81 -2.87
N TYR B 203 14.87 7.13 -2.49
CA TYR B 203 14.49 8.47 -2.07
C TYR B 203 13.87 8.40 -0.68
N ILE B 204 14.71 8.65 0.33
CA ILE B 204 14.30 8.79 1.72
C ILE B 204 14.59 10.22 2.15
N CYS B 205 13.69 10.80 2.94
CA CYS B 205 13.92 12.11 3.52
C CYS B 205 14.19 11.94 5.01
N ASN B 206 15.17 12.67 5.53
CA ASN B 206 15.52 12.66 6.96
C ASN B 206 14.86 13.85 7.66
N VAL B 207 13.74 13.60 8.30
CA VAL B 207 13.03 14.63 9.07
C VAL B 207 13.47 14.58 10.53
N ASN B 208 13.56 15.75 11.18
CA ASN B 208 14.06 15.78 12.55
C ASN B 208 13.47 16.96 13.32
N HIS B 209 12.79 16.65 14.43
CA HIS B 209 12.11 17.64 15.27
C HIS B 209 12.63 17.51 16.70
N LYS B 210 13.76 18.17 16.97
CA LYS B 210 14.33 18.11 18.31
C LYS B 210 13.43 18.64 19.43
N PRO B 211 12.56 19.65 19.23
CA PRO B 211 11.64 20.04 20.33
C PRO B 211 10.85 18.84 20.84
N SER B 212 10.15 18.20 19.90
CA SER B 212 9.45 16.95 20.14
C SER B 212 10.37 15.76 20.28
N ASN B 213 11.64 15.90 19.90
CA ASN B 213 12.63 14.82 19.99
C ASN B 213 12.27 13.65 19.09
N THR B 214 11.90 13.96 17.86
CA THR B 214 11.48 12.99 16.87
C THR B 214 12.43 13.01 15.69
N LYS B 215 12.85 11.82 15.23
CA LYS B 215 13.56 11.69 13.96
C LYS B 215 12.92 10.53 13.20
N VAL B 216 12.44 10.81 12.00
CA VAL B 216 11.70 9.84 11.19
C VAL B 216 12.26 9.91 9.78
N ASP B 217 12.34 8.75 9.11
CA ASP B 217 12.81 8.68 7.73
C ASP B 217 11.76 7.90 6.96
N LYS B 218 10.97 8.60 6.13
CA LYS B 218 10.03 7.89 5.27
C LYS B 218 10.65 7.69 3.89
N LYS B 219 10.09 6.74 3.16
CA LYS B 219 10.75 6.11 2.03
C LYS B 219 9.84 6.25 0.80
N VAL B 220 10.12 7.23 -0.05
CA VAL B 220 9.16 7.67 -1.07
C VAL B 220 9.17 6.72 -2.27
N GLU B 221 7.98 6.31 -2.71
CA GLU B 221 7.78 5.27 -3.68
C GLU B 221 6.79 5.76 -4.75
N PRO B 222 6.55 4.96 -5.79
CA PRO B 222 5.41 5.22 -6.70
C PRO B 222 4.09 4.64 -6.19
N LYS B 223 3.02 4.94 -6.92
CA LYS B 223 1.64 4.60 -6.55
C LYS B 223 1.14 3.29 -7.16
N SER B 224 -0.17 3.20 -7.41
CA SER B 224 -0.81 1.93 -7.77
C SER B 224 -0.39 1.47 -9.16
N CYS B 225 0.03 0.20 -9.25
CA CYS B 225 0.57 -0.42 -10.46
C CYS B 225 1.37 0.52 -11.35
N GLU C 1 5.96 -30.60 -19.96
CA GLU C 1 5.99 -29.84 -21.20
C GLU C 1 4.91 -30.23 -22.20
N VAL C 2 4.52 -31.50 -22.26
CA VAL C 2 3.39 -31.85 -23.12
C VAL C 2 2.11 -31.62 -22.33
N GLN C 3 1.06 -31.33 -23.08
CA GLN C 3 -0.14 -30.74 -22.53
C GLN C 3 -1.32 -31.01 -23.45
N LEU C 4 -2.43 -31.37 -22.82
CA LEU C 4 -3.72 -31.54 -23.45
C LEU C 4 -4.68 -30.58 -22.78
N VAL C 5 -5.41 -29.84 -23.60
CA VAL C 5 -6.34 -28.82 -23.13
C VAL C 5 -7.64 -28.99 -23.90
N GLU C 6 -8.63 -29.60 -23.25
CA GLU C 6 -9.95 -29.73 -23.85
C GLU C 6 -10.74 -28.45 -23.63
N SER C 7 -11.68 -28.21 -24.53
CA SER C 7 -12.63 -27.11 -24.40
C SER C 7 -13.80 -27.39 -25.33
N GLY C 8 -14.86 -26.62 -25.14
CA GLY C 8 -16.04 -26.74 -25.95
C GLY C 8 -17.26 -27.24 -25.21
N GLY C 9 -17.11 -27.70 -23.97
CA GLY C 9 -18.26 -28.05 -23.17
C GLY C 9 -18.98 -26.81 -22.69
N GLY C 10 -20.07 -27.05 -21.96
CA GLY C 10 -20.91 -25.96 -21.46
C GLY C 10 -22.31 -26.47 -21.19
N LEU C 11 -23.28 -25.55 -21.28
CA LEU C 11 -24.69 -25.84 -20.98
C LEU C 11 -25.41 -26.23 -22.25
N VAL C 12 -26.05 -27.41 -22.24
CA VAL C 12 -26.79 -27.89 -23.42
C VAL C 12 -28.13 -28.46 -22.99
N GLN C 13 -29.14 -28.20 -23.81
CA GLN C 13 -30.45 -28.66 -23.43
C GLN C 13 -30.68 -30.06 -23.98
N PRO C 14 -31.46 -30.90 -23.28
CA PRO C 14 -31.56 -32.32 -23.67
C PRO C 14 -31.96 -32.50 -25.12
N GLY C 15 -31.33 -33.49 -25.76
CA GLY C 15 -31.42 -33.72 -27.18
C GLY C 15 -30.41 -32.92 -27.99
N GLY C 16 -29.77 -31.92 -27.40
CA GLY C 16 -28.87 -31.08 -28.14
C GLY C 16 -27.58 -31.77 -28.45
N SER C 17 -26.75 -31.09 -29.24
CA SER C 17 -25.46 -31.65 -29.66
C SER C 17 -24.35 -30.67 -29.38
N LEU C 18 -23.19 -31.24 -29.05
CA LEU C 18 -21.98 -30.47 -28.75
C LEU C 18 -20.83 -31.08 -29.55
N ARG C 19 -19.75 -30.35 -29.75
CA ARG C 19 -18.52 -31.06 -30.14
C ARG C 19 -17.38 -30.53 -29.27
N LEU C 20 -16.69 -31.46 -28.62
CA LEU C 20 -15.53 -31.16 -27.81
C LEU C 20 -14.26 -31.22 -28.64
N SER C 21 -13.25 -30.49 -28.21
CA SER C 21 -11.95 -30.57 -28.85
C SER C 21 -10.89 -30.87 -27.81
N CYS C 22 -9.74 -31.33 -28.30
CA CYS C 22 -8.57 -31.59 -27.46
C CYS C 22 -7.39 -31.05 -28.26
N ALA C 23 -6.79 -29.96 -27.79
CA ALA C 23 -5.61 -29.39 -28.44
C ALA C 23 -4.35 -29.88 -27.75
N ALA C 24 -3.52 -30.62 -28.48
CA ALA C 24 -2.29 -31.17 -27.94
C ALA C 24 -1.17 -30.15 -28.09
N SER C 25 -0.22 -30.18 -27.15
CA SER C 25 0.92 -29.31 -27.30
C SER C 25 2.20 -30.03 -26.90
N GLY C 26 3.25 -29.82 -27.68
CA GLY C 26 4.50 -30.44 -27.41
C GLY C 26 4.74 -31.74 -28.13
N PHE C 27 3.70 -32.35 -28.68
CA PHE C 27 3.84 -33.67 -29.29
C PHE C 27 2.75 -33.89 -30.32
N TYR C 28 3.03 -34.76 -31.27
CA TYR C 28 2.15 -34.95 -32.40
C TYR C 28 1.19 -36.06 -32.12
N ILE C 29 -0.10 -35.78 -32.33
CA ILE C 29 -1.12 -36.80 -32.12
C ILE C 29 -1.04 -37.87 -33.19
N SER C 30 -0.41 -37.55 -34.33
CA SER C 30 -0.44 -38.42 -35.51
C SER C 30 0.21 -39.75 -35.24
N TYR C 31 1.04 -39.81 -34.20
CA TYR C 31 1.84 -40.97 -33.83
C TYR C 31 1.40 -41.58 -32.49
N SER C 32 0.21 -41.27 -31.98
CA SER C 32 -0.25 -41.92 -30.77
C SER C 32 -1.72 -42.26 -30.91
N SER C 33 -2.26 -42.94 -29.90
CA SER C 33 -3.69 -43.21 -29.79
C SER C 33 -4.27 -42.21 -28.80
N ILE C 34 -5.42 -41.62 -29.13
CA ILE C 34 -6.07 -40.59 -28.30
C ILE C 34 -7.39 -41.10 -27.70
N HIS C 35 -7.65 -40.76 -26.44
CA HIS C 35 -8.81 -41.30 -25.73
C HIS C 35 -9.64 -40.20 -25.10
N TRP C 36 -10.92 -40.48 -24.95
CA TRP C 36 -11.83 -39.61 -24.22
C TRP C 36 -12.43 -40.37 -23.04
N VAL C 37 -12.30 -39.78 -21.85
CA VAL C 37 -12.77 -40.38 -20.59
C VAL C 37 -13.61 -39.34 -19.85
N ARG C 38 -14.88 -39.66 -19.55
CA ARG C 38 -15.75 -38.76 -18.81
C ARG C 38 -15.98 -39.23 -17.37
N GLN C 39 -16.38 -38.28 -16.51
CA GLN C 39 -16.59 -38.53 -15.07
C GLN C 39 -17.78 -37.72 -14.56
N ALA C 40 -18.84 -38.42 -14.12
CA ALA C 40 -20.03 -37.77 -13.55
C ALA C 40 -19.70 -37.04 -12.26
N PRO C 41 -20.52 -36.08 -11.86
CA PRO C 41 -20.23 -35.35 -10.62
C PRO C 41 -20.28 -36.25 -9.39
N GLY C 42 -19.11 -36.47 -8.82
CA GLY C 42 -18.95 -37.31 -7.67
C GLY C 42 -18.90 -38.79 -7.94
N LYS C 43 -19.03 -39.22 -9.19
CA LYS C 43 -18.93 -40.63 -9.50
C LYS C 43 -17.55 -40.95 -10.06
N GLY C 44 -17.41 -42.14 -10.64
CA GLY C 44 -16.12 -42.64 -11.07
C GLY C 44 -15.89 -42.48 -12.56
N LEU C 45 -14.72 -42.91 -12.98
CA LEU C 45 -14.36 -42.75 -14.38
C LEU C 45 -15.12 -43.73 -15.26
N GLU C 46 -15.29 -43.30 -16.51
CA GLU C 46 -15.94 -44.11 -17.54
C GLU C 46 -15.31 -43.77 -18.87
N TRP C 47 -14.68 -44.76 -19.48
CA TRP C 47 -14.15 -44.57 -20.82
C TRP C 47 -15.32 -44.35 -21.77
N VAL C 48 -15.12 -43.54 -22.81
CA VAL C 48 -16.17 -43.34 -23.81
C VAL C 48 -15.70 -43.68 -25.22
N ALA C 49 -14.57 -43.14 -25.64
CA ALA C 49 -14.16 -43.38 -27.01
C ALA C 49 -12.65 -43.40 -27.07
N SER C 50 -12.16 -43.85 -28.22
CA SER C 50 -10.73 -43.86 -28.46
C SER C 50 -10.51 -44.01 -29.95
N ILE C 51 -9.40 -43.47 -30.43
CA ILE C 51 -9.01 -43.57 -31.83
C ILE C 51 -7.52 -43.91 -31.91
N SER C 52 -7.19 -44.79 -32.74
CA SER C 52 -5.89 -45.38 -32.92
C SER C 52 -5.13 -44.76 -34.11
N PRO C 53 -3.79 -44.77 -34.05
CA PRO C 53 -2.98 -44.10 -35.07
C PRO C 53 -2.76 -44.94 -36.33
N TYR C 54 -2.24 -44.29 -37.36
CA TYR C 54 -1.83 -44.91 -38.62
C TYR C 54 -2.98 -45.58 -39.34
N SER C 55 -3.76 -46.40 -38.60
CA SER C 55 -5.00 -47.01 -39.09
C SER C 55 -6.19 -46.04 -39.06
N GLY C 56 -6.26 -45.20 -38.04
CA GLY C 56 -7.42 -44.37 -37.81
C GLY C 56 -8.63 -45.12 -37.31
N SER C 57 -8.47 -46.36 -36.88
CA SER C 57 -9.62 -47.14 -36.46
C SER C 57 -10.21 -46.55 -35.18
N THR C 58 -11.52 -46.67 -35.03
CA THR C 58 -12.25 -46.02 -33.96
C THR C 58 -12.97 -47.04 -33.10
N TYR C 59 -13.19 -46.70 -31.83
CA TYR C 59 -13.92 -47.58 -30.92
C TYR C 59 -14.66 -46.74 -29.90
N TYR C 60 -15.84 -47.20 -29.49
CA TYR C 60 -16.70 -46.40 -28.64
C TYR C 60 -17.36 -47.24 -27.56
N ALA C 61 -17.60 -46.59 -26.42
CA ALA C 61 -18.38 -47.18 -25.35
C ALA C 61 -19.81 -47.46 -25.79
N ASP C 62 -20.35 -48.58 -25.35
CA ASP C 62 -21.74 -48.84 -25.68
C ASP C 62 -22.68 -47.84 -25.03
N SER C 63 -22.23 -47.14 -23.99
CA SER C 63 -23.07 -46.15 -23.33
C SER C 63 -23.46 -45.04 -24.28
N VAL C 64 -22.67 -44.87 -25.33
CA VAL C 64 -22.72 -43.68 -26.16
C VAL C 64 -22.61 -44.01 -27.64
N LYS C 65 -22.58 -45.29 -28.00
CA LYS C 65 -22.52 -45.49 -29.44
C LYS C 65 -23.84 -45.04 -30.05
N GLY C 66 -23.78 -44.71 -31.35
CA GLY C 66 -24.85 -44.11 -32.11
C GLY C 66 -24.88 -42.60 -32.00
N ARG C 67 -24.47 -42.07 -30.87
CA ARG C 67 -24.54 -40.67 -30.60
C ARG C 67 -23.20 -39.97 -30.70
N PHE C 68 -22.11 -40.65 -30.32
CA PHE C 68 -20.82 -39.99 -30.24
C PHE C 68 -19.94 -40.45 -31.39
N THR C 69 -19.02 -39.58 -31.79
CA THR C 69 -18.26 -39.79 -33.01
C THR C 69 -16.98 -39.00 -32.92
N ILE C 70 -15.86 -39.70 -32.96
CA ILE C 70 -14.57 -39.17 -32.55
C ILE C 70 -13.68 -39.01 -33.76
N SER C 71 -13.06 -37.85 -33.90
CA SER C 71 -12.20 -37.57 -35.04
C SER C 71 -10.96 -36.87 -34.53
N ALA C 72 -9.91 -36.84 -35.36
CA ALA C 72 -8.69 -36.11 -35.05
C ALA C 72 -8.15 -35.44 -36.30
N ASP C 73 -7.58 -34.25 -36.16
CA ASP C 73 -6.92 -33.56 -37.26
C ASP C 73 -5.41 -33.53 -37.03
N THR C 74 -4.65 -34.30 -37.82
CA THR C 74 -3.21 -34.32 -37.64
C THR C 74 -2.57 -32.99 -37.99
N SER C 75 -3.27 -32.12 -38.71
CA SER C 75 -2.69 -30.82 -39.03
C SER C 75 -2.86 -29.86 -37.86
N LYS C 76 -4.07 -29.70 -37.39
CA LYS C 76 -4.30 -28.81 -36.26
C LYS C 76 -3.88 -29.42 -34.95
N ASN C 77 -3.40 -30.66 -34.96
CA ASN C 77 -3.03 -31.37 -33.75
C ASN C 77 -4.15 -31.26 -32.75
N THR C 78 -5.36 -31.59 -33.21
CA THR C 78 -6.54 -31.52 -32.37
C THR C 78 -7.35 -32.78 -32.60
N ALA C 79 -7.89 -33.37 -31.51
CA ALA C 79 -8.87 -34.45 -31.59
C ALA C 79 -10.19 -34.02 -30.96
N TYR C 80 -11.28 -34.53 -31.54
CA TYR C 80 -12.61 -34.03 -31.28
C TYR C 80 -13.58 -35.14 -30.90
N LEU C 81 -14.66 -34.75 -30.25
CA LEU C 81 -15.72 -35.70 -29.87
C LEU C 81 -17.06 -35.03 -30.11
N GLN C 82 -17.68 -35.35 -31.25
CA GLN C 82 -19.02 -34.88 -31.56
C GLN C 82 -20.04 -35.65 -30.76
N MET C 83 -20.88 -34.93 -30.03
CA MET C 83 -21.89 -35.49 -29.14
C MET C 83 -23.25 -35.03 -29.63
N ASN C 84 -24.02 -35.96 -30.17
CA ASN C 84 -25.41 -35.73 -30.58
C ASN C 84 -26.34 -36.37 -29.57
N SER C 85 -27.60 -35.97 -29.63
CA SER C 85 -28.66 -36.64 -28.88
C SER C 85 -28.34 -36.67 -27.39
N LEU C 86 -27.80 -35.57 -26.87
CA LEU C 86 -27.35 -35.55 -25.47
C LEU C 86 -28.50 -35.70 -24.50
N ARG C 87 -28.28 -36.48 -23.43
CA ARG C 87 -29.29 -36.83 -22.44
C ARG C 87 -28.79 -36.44 -21.06
N ALA C 88 -29.73 -36.21 -20.14
CA ALA C 88 -29.41 -35.72 -18.82
C ALA C 88 -28.35 -36.57 -18.13
N GLU C 89 -28.34 -37.89 -18.41
CA GLU C 89 -27.29 -38.79 -17.90
C GLU C 89 -25.92 -38.46 -18.45
N ASP C 90 -25.83 -37.70 -19.55
CA ASP C 90 -24.53 -37.38 -20.12
C ASP C 90 -23.88 -36.18 -19.44
N THR C 91 -24.44 -35.65 -18.34
CA THR C 91 -23.82 -34.61 -17.52
C THR C 91 -22.53 -35.12 -16.85
N ALA C 92 -21.34 -34.67 -17.30
CA ALA C 92 -20.08 -35.06 -16.63
C ALA C 92 -18.91 -34.17 -17.02
N VAL C 93 -17.78 -34.36 -16.33
CA VAL C 93 -16.50 -33.78 -16.76
C VAL C 93 -15.88 -34.68 -17.82
N TYR C 94 -15.39 -34.08 -18.90
CA TYR C 94 -14.88 -34.83 -20.05
C TYR C 94 -13.39 -34.58 -20.19
N TYR C 95 -12.59 -35.64 -19.97
CA TYR C 95 -11.12 -35.60 -20.02
C TYR C 95 -10.64 -36.27 -21.30
N CYS C 96 -9.64 -35.71 -21.96
CA CYS C 96 -8.93 -36.46 -23.00
C CYS C 96 -7.51 -36.80 -22.53
N ALA C 97 -7.10 -38.03 -22.78
CA ALA C 97 -5.83 -38.55 -22.34
C ALA C 97 -5.09 -39.10 -23.53
N ARG C 98 -3.76 -39.05 -23.48
CA ARG C 98 -2.94 -39.68 -24.49
C ARG C 98 -2.49 -41.07 -24.05
N GLN C 99 -2.58 -42.02 -24.98
CA GLN C 99 -1.94 -43.30 -24.79
C GLN C 99 -0.45 -43.12 -24.98
N GLY C 100 0.31 -43.40 -23.94
CA GLY C 100 1.74 -43.22 -24.00
C GLY C 100 2.40 -44.05 -25.09
N TYR C 101 3.72 -43.96 -25.19
CA TYR C 101 4.42 -44.71 -26.22
C TYR C 101 4.60 -46.17 -25.81
N ARG C 102 4.54 -47.05 -26.81
CA ARG C 102 4.50 -48.49 -26.55
C ARG C 102 5.65 -48.92 -25.64
N ARG C 103 6.83 -48.36 -25.84
CA ARG C 103 7.98 -48.75 -25.02
C ARG C 103 7.95 -48.19 -23.60
N ARG C 104 7.70 -46.88 -23.48
CA ARG C 104 7.86 -46.16 -22.23
C ARG C 104 6.72 -46.39 -21.25
N SER C 105 5.58 -46.90 -21.71
CA SER C 105 4.41 -47.01 -20.86
C SER C 105 3.39 -47.96 -21.47
N GLY C 106 3.72 -48.52 -22.63
CA GLY C 106 2.76 -49.39 -23.28
C GLY C 106 1.48 -48.62 -23.53
N ARG C 107 0.37 -49.21 -23.12
CA ARG C 107 -0.94 -48.66 -23.41
C ARG C 107 -1.46 -47.77 -22.29
N GLY C 108 -0.59 -47.35 -21.38
CA GLY C 108 -1.01 -46.47 -20.31
C GLY C 108 -1.34 -45.08 -20.83
N PHE C 109 -2.24 -44.41 -20.11
CA PHE C 109 -2.61 -43.03 -20.40
C PHE C 109 -1.74 -42.13 -19.54
N ASP C 110 -0.74 -41.49 -20.13
CA ASP C 110 0.25 -40.83 -19.29
C ASP C 110 -0.07 -39.36 -18.99
N TYR C 111 -0.81 -38.65 -19.86
CA TYR C 111 -1.17 -37.23 -19.67
C TYR C 111 -2.66 -36.99 -19.87
N TRP C 112 -3.23 -36.14 -19.00
CA TRP C 112 -4.65 -35.79 -19.03
C TRP C 112 -4.85 -34.28 -19.01
N GLY C 113 -5.81 -33.81 -19.80
CA GLY C 113 -6.30 -32.46 -19.62
C GLY C 113 -7.07 -32.36 -18.32
N GLN C 114 -7.36 -31.13 -17.87
CA GLN C 114 -8.07 -30.96 -16.60
C GLN C 114 -9.56 -31.21 -16.71
N GLY C 115 -10.06 -31.48 -17.91
CA GLY C 115 -11.46 -31.83 -18.09
C GLY C 115 -12.34 -30.62 -18.33
N THR C 116 -13.38 -30.82 -19.14
CA THR C 116 -14.38 -29.81 -19.50
C THR C 116 -15.77 -30.28 -19.06
N LEU C 117 -16.49 -29.41 -18.36
CA LEU C 117 -17.80 -29.77 -17.84
C LEU C 117 -18.88 -29.55 -18.88
N VAL C 118 -19.68 -30.58 -19.11
CA VAL C 118 -20.87 -30.51 -19.93
C VAL C 118 -22.06 -30.70 -19.01
N THR C 119 -22.93 -29.69 -18.92
CA THR C 119 -24.19 -29.75 -18.16
C THR C 119 -25.35 -29.82 -19.13
N VAL C 120 -26.06 -30.94 -19.11
CA VAL C 120 -27.20 -31.13 -20.00
C VAL C 120 -28.50 -30.86 -19.21
N SER C 121 -29.15 -29.73 -19.51
CA SER C 121 -30.34 -29.25 -18.79
C SER C 121 -31.11 -28.23 -19.62
N SER C 122 -32.41 -28.13 -19.31
CA SER C 122 -33.31 -27.14 -19.86
C SER C 122 -33.27 -25.84 -19.08
N ALA C 123 -32.67 -25.84 -17.89
CA ALA C 123 -32.55 -24.61 -17.15
C ALA C 123 -31.68 -23.63 -17.93
N SER C 124 -31.85 -22.36 -17.60
CA SER C 124 -31.11 -21.29 -18.23
C SER C 124 -30.20 -20.64 -17.20
N THR C 125 -29.12 -20.02 -17.68
CA THR C 125 -28.00 -19.68 -16.81
C THR C 125 -28.25 -18.37 -16.07
N LYS C 126 -27.71 -18.29 -14.86
CA LYS C 126 -27.80 -17.13 -13.98
C LYS C 126 -26.45 -16.89 -13.33
N GLY C 127 -26.01 -15.64 -13.33
CA GLY C 127 -24.79 -15.28 -12.66
C GLY C 127 -25.05 -15.06 -11.19
N PRO C 128 -24.02 -15.15 -10.38
CA PRO C 128 -24.20 -15.04 -8.93
C PRO C 128 -24.12 -13.60 -8.43
N SER C 129 -24.73 -13.38 -7.27
CA SER C 129 -24.55 -12.16 -6.51
C SER C 129 -23.63 -12.46 -5.32
N VAL C 130 -22.58 -11.68 -5.16
CA VAL C 130 -21.56 -11.98 -4.17
C VAL C 130 -21.49 -10.86 -3.13
N PHE C 131 -21.63 -11.24 -1.86
CA PHE C 131 -21.63 -10.32 -0.75
C PHE C 131 -20.57 -10.72 0.26
N PRO C 132 -19.76 -9.80 0.75
CA PRO C 132 -18.72 -10.16 1.71
C PRO C 132 -19.30 -10.52 3.06
N LEU C 133 -18.62 -11.42 3.75
CA LEU C 133 -18.96 -11.77 5.13
C LEU C 133 -17.87 -11.19 6.03
N ALA C 134 -18.25 -10.20 6.83
CA ALA C 134 -17.12 -9.54 7.47
C ALA C 134 -16.94 -10.04 8.88
N PRO C 135 -15.68 -10.15 9.31
CA PRO C 135 -15.39 -10.59 10.68
C PRO C 135 -15.74 -9.51 11.69
N SER C 136 -16.68 -9.82 12.56
CA SER C 136 -17.13 -8.89 13.58
C SER C 136 -16.49 -9.32 14.89
N SER C 137 -15.77 -8.40 15.55
CA SER C 137 -15.02 -8.73 16.76
C SER C 137 -15.90 -9.19 17.91
N LYS C 138 -17.01 -9.86 17.61
CA LYS C 138 -17.89 -10.44 18.61
C LYS C 138 -17.86 -11.98 18.54
N SER C 139 -18.38 -12.57 17.46
CA SER C 139 -18.29 -14.02 17.27
C SER C 139 -16.91 -14.45 16.78
N THR C 140 -16.16 -13.54 16.16
CA THR C 140 -14.81 -13.82 15.69
C THR C 140 -13.84 -13.70 16.86
N SER C 141 -12.71 -14.39 16.74
CA SER C 141 -11.89 -14.66 17.92
C SER C 141 -10.67 -13.74 17.99
N GLY C 142 -10.93 -12.43 17.97
CA GLY C 142 -9.99 -11.34 18.19
C GLY C 142 -8.49 -11.54 18.14
N GLY C 143 -8.02 -12.63 17.52
CA GLY C 143 -6.60 -12.87 17.35
C GLY C 143 -6.30 -13.26 15.92
N THR C 144 -6.68 -14.47 15.54
CA THR C 144 -6.79 -14.88 14.14
C THR C 144 -8.26 -15.10 13.83
N ALA C 145 -8.75 -14.44 12.79
CA ALA C 145 -10.16 -14.52 12.43
C ALA C 145 -10.31 -14.58 10.91
N ALA C 146 -11.42 -15.14 10.45
CA ALA C 146 -11.63 -15.44 9.04
C ALA C 146 -12.59 -14.45 8.39
N LEU C 147 -12.52 -14.39 7.05
CA LEU C 147 -13.40 -13.53 6.27
C LEU C 147 -13.44 -14.03 4.84
N GLY C 148 -14.55 -13.74 4.16
CA GLY C 148 -14.78 -14.28 2.82
C GLY C 148 -15.99 -13.69 2.13
N CYS C 149 -16.16 -14.10 0.88
CA CYS C 149 -17.24 -13.67 0.00
C CYS C 149 -18.30 -14.77 -0.05
N LEU C 150 -19.58 -14.38 0.00
CA LEU C 150 -20.66 -15.33 -0.21
C LEU C 150 -21.00 -15.32 -1.70
N VAL C 151 -21.10 -16.51 -2.29
CA VAL C 151 -21.33 -16.67 -3.73
C VAL C 151 -22.65 -17.41 -3.91
N LYS C 152 -23.73 -16.65 -4.14
CA LYS C 152 -25.09 -17.17 -4.03
C LYS C 152 -25.85 -17.07 -5.35
N ASP C 153 -26.73 -18.05 -5.57
CA ASP C 153 -27.73 -18.07 -6.63
C ASP C 153 -27.09 -17.96 -8.01
N TYR C 154 -26.65 -19.10 -8.55
CA TYR C 154 -26.09 -19.13 -9.89
C TYR C 154 -26.31 -20.49 -10.51
N PHE C 155 -26.14 -20.56 -11.83
CA PHE C 155 -26.25 -21.79 -12.60
C PHE C 155 -25.59 -21.54 -13.94
N PRO C 156 -24.87 -22.51 -14.49
CA PRO C 156 -24.42 -23.77 -13.89
C PRO C 156 -23.04 -23.72 -13.24
N GLU C 157 -22.59 -24.84 -12.67
CA GLU C 157 -21.20 -24.93 -12.32
C GLU C 157 -20.34 -24.75 -13.57
N PRO C 158 -19.09 -24.30 -13.42
CA PRO C 158 -18.29 -23.94 -12.25
C PRO C 158 -18.11 -22.45 -11.93
N VAL C 159 -17.60 -22.13 -10.75
CA VAL C 159 -17.08 -20.80 -10.49
C VAL C 159 -15.60 -20.95 -10.14
N THR C 160 -14.89 -19.83 -10.25
CA THR C 160 -13.48 -19.78 -9.92
C THR C 160 -13.30 -18.61 -8.96
N VAL C 161 -12.89 -18.89 -7.74
CA VAL C 161 -12.64 -17.83 -6.77
C VAL C 161 -11.13 -17.72 -6.58
N SER C 162 -10.63 -16.49 -6.55
CA SER C 162 -9.20 -16.23 -6.56
C SER C 162 -8.97 -14.98 -5.72
N TRP C 163 -8.30 -15.12 -4.61
CA TRP C 163 -8.14 -14.00 -3.68
C TRP C 163 -6.95 -13.13 -4.11
N ASN C 164 -7.21 -11.85 -4.24
CA ASN C 164 -6.20 -10.88 -4.66
C ASN C 164 -5.53 -11.33 -5.95
N SER C 165 -6.37 -11.77 -6.90
CA SER C 165 -5.96 -12.11 -8.26
C SER C 165 -4.97 -13.28 -8.28
N GLY C 166 -5.12 -14.19 -7.32
CA GLY C 166 -4.25 -15.34 -7.22
C GLY C 166 -3.09 -15.15 -6.28
N ALA C 167 -2.92 -13.96 -5.71
CA ALA C 167 -1.79 -13.69 -4.83
C ALA C 167 -1.95 -14.31 -3.44
N LEU C 168 -3.17 -14.49 -2.96
CA LEU C 168 -3.41 -14.97 -1.60
C LEU C 168 -4.03 -16.35 -1.72
N THR C 169 -3.26 -17.36 -1.32
CA THR C 169 -3.70 -18.73 -1.46
C THR C 169 -3.60 -19.51 -0.15
N SER C 170 -2.69 -19.09 0.75
CA SER C 170 -2.43 -19.84 1.97
C SER C 170 -3.66 -19.92 2.86
N GLY C 171 -4.02 -21.14 3.25
CA GLY C 171 -5.10 -21.32 4.19
C GLY C 171 -6.45 -20.90 3.67
N VAL C 172 -6.64 -20.86 2.33
CA VAL C 172 -7.95 -20.57 1.73
C VAL C 172 -8.71 -21.86 1.46
N HIS C 173 -10.01 -21.80 1.73
CA HIS C 173 -10.89 -22.97 1.62
C HIS C 173 -12.12 -22.50 0.85
N THR C 174 -12.21 -22.81 -0.44
CA THR C 174 -13.43 -22.54 -1.20
C THR C 174 -14.26 -23.82 -1.17
N PHE C 175 -15.43 -23.75 -0.51
CA PHE C 175 -16.27 -24.92 -0.27
C PHE C 175 -16.93 -25.40 -1.56
N PRO C 176 -17.24 -26.69 -1.65
CA PRO C 176 -18.02 -27.15 -2.80
C PRO C 176 -19.44 -26.59 -2.73
N ALA C 177 -19.95 -26.22 -3.90
CA ALA C 177 -21.29 -25.67 -4.00
C ALA C 177 -22.34 -26.68 -3.56
N VAL C 178 -23.32 -26.21 -2.78
CA VAL C 178 -24.55 -26.94 -2.50
C VAL C 178 -25.61 -26.34 -3.41
N LEU C 179 -26.61 -27.14 -3.72
CA LEU C 179 -27.67 -26.84 -4.67
C LEU C 179 -28.93 -26.53 -3.89
N GLN C 180 -29.46 -25.33 -4.02
CA GLN C 180 -30.59 -24.96 -3.19
C GLN C 180 -31.94 -25.39 -3.79
N SER C 181 -32.98 -25.43 -2.93
CA SER C 181 -34.33 -25.73 -3.38
C SER C 181 -34.71 -24.90 -4.59
N SER C 182 -34.12 -23.71 -4.71
CA SER C 182 -34.33 -22.86 -5.87
C SER C 182 -33.95 -23.56 -7.15
N GLY C 183 -33.07 -24.56 -7.06
CA GLY C 183 -32.45 -25.16 -8.21
C GLY C 183 -31.16 -24.51 -8.63
N LEU C 184 -30.74 -23.46 -7.93
CA LEU C 184 -29.45 -22.80 -8.14
C LEU C 184 -28.42 -23.18 -7.08
N TYR C 185 -27.16 -22.95 -7.43
CA TYR C 185 -26.02 -23.32 -6.60
C TYR C 185 -25.65 -22.17 -5.68
N SER C 186 -24.82 -22.50 -4.70
CA SER C 186 -24.35 -21.54 -3.71
C SER C 186 -23.16 -22.14 -2.99
N LEU C 187 -22.10 -21.36 -2.84
CA LEU C 187 -20.91 -21.83 -2.12
C LEU C 187 -20.29 -20.66 -1.37
N SER C 188 -19.24 -20.95 -0.63
CA SER C 188 -18.58 -19.95 0.19
C SER C 188 -17.06 -20.06 0.03
N SER C 189 -16.36 -18.94 0.01
CA SER C 189 -14.90 -18.94 0.01
C SER C 189 -14.36 -18.18 1.22
N VAL C 190 -13.49 -18.83 1.97
CA VAL C 190 -13.05 -18.33 3.26
C VAL C 190 -11.53 -18.34 3.31
N VAL C 191 -10.98 -17.39 4.06
CA VAL C 191 -9.55 -17.30 4.31
C VAL C 191 -9.37 -16.80 5.74
N THR C 192 -8.32 -17.28 6.39
CA THR C 192 -8.03 -16.95 7.77
C THR C 192 -6.84 -16.00 7.84
N VAL C 193 -6.89 -15.03 8.77
CA VAL C 193 -5.81 -14.07 8.97
C VAL C 193 -5.74 -13.61 10.42
N PRO C 194 -4.55 -13.23 10.91
CA PRO C 194 -4.45 -12.56 12.21
C PRO C 194 -5.04 -11.15 12.17
N SER C 195 -5.87 -10.83 13.17
CA SER C 195 -6.46 -9.51 13.26
C SER C 195 -5.39 -8.41 13.36
N SER C 196 -4.13 -8.78 13.60
CA SER C 196 -3.03 -7.82 13.56
C SER C 196 -2.98 -7.08 12.24
N SER C 197 -3.46 -7.70 11.16
CA SER C 197 -3.37 -7.14 9.82
C SER C 197 -4.71 -6.68 9.25
N LEU C 198 -5.69 -6.37 10.10
CA LEU C 198 -6.98 -5.90 9.58
C LEU C 198 -6.83 -4.51 8.96
N GLY C 199 -6.18 -3.58 9.69
CA GLY C 199 -6.12 -2.19 9.27
C GLY C 199 -5.11 -1.90 8.17
N THR C 200 -4.15 -2.80 7.95
CA THR C 200 -3.11 -2.56 6.96
C THR C 200 -3.35 -3.23 5.62
N GLN C 201 -4.15 -4.30 5.56
CA GLN C 201 -4.34 -5.05 4.34
C GLN C 201 -5.82 -5.03 3.96
N THR C 202 -6.09 -5.19 2.66
CA THR C 202 -7.45 -5.27 2.14
C THR C 202 -7.62 -6.56 1.34
N TYR C 203 -8.81 -7.13 1.38
CA TYR C 203 -9.05 -8.46 0.85
C TYR C 203 -10.18 -8.49 -0.16
N ILE C 204 -9.81 -8.57 -1.43
CA ILE C 204 -10.74 -8.68 -2.54
C ILE C 204 -10.66 -10.09 -3.07
N CYS C 205 -11.81 -10.65 -3.41
CA CYS C 205 -11.88 -11.98 -3.99
C CYS C 205 -12.22 -11.84 -5.46
N ASN C 206 -11.50 -12.56 -6.32
CA ASN C 206 -11.80 -12.56 -7.74
C ASN C 206 -12.72 -13.74 -8.00
N VAL C 207 -14.01 -13.49 -8.04
CA VAL C 207 -14.96 -14.52 -8.44
C VAL C 207 -15.24 -14.36 -9.93
N ASN C 208 -15.39 -15.48 -10.64
CA ASN C 208 -15.58 -15.45 -12.10
C ASN C 208 -16.44 -16.64 -12.52
N HIS C 209 -17.55 -16.34 -13.21
CA HIS C 209 -18.53 -17.33 -13.65
C HIS C 209 -18.54 -17.23 -15.17
N LYS C 210 -17.66 -18.00 -15.79
CA LYS C 210 -17.50 -17.96 -17.24
C LYS C 210 -18.76 -18.30 -18.04
N PRO C 211 -19.71 -19.16 -17.58
CA PRO C 211 -20.94 -19.36 -18.37
C PRO C 211 -21.69 -18.06 -18.64
N SER C 212 -22.11 -17.39 -17.57
CA SER C 212 -22.81 -16.12 -17.68
C SER C 212 -21.92 -14.96 -18.06
N ASN C 213 -20.60 -15.15 -18.04
CA ASN C 213 -19.62 -14.11 -18.39
C ASN C 213 -19.65 -12.95 -17.41
N THR C 214 -19.58 -13.28 -16.14
CA THR C 214 -19.48 -12.28 -15.09
C THR C 214 -18.11 -12.43 -14.41
N LYS C 215 -17.45 -11.30 -14.17
CA LYS C 215 -16.20 -11.22 -13.43
C LYS C 215 -16.40 -10.18 -12.34
N VAL C 216 -16.23 -10.58 -11.08
CA VAL C 216 -16.55 -9.74 -9.93
C VAL C 216 -15.40 -9.75 -8.93
N ASP C 217 -15.15 -8.61 -8.31
CA ASP C 217 -14.21 -8.47 -7.22
C ASP C 217 -14.87 -7.66 -6.11
N LYS C 218 -15.28 -8.33 -5.04
CA LYS C 218 -15.78 -7.61 -3.89
C LYS C 218 -14.64 -7.38 -2.89
N LYS C 219 -14.82 -6.35 -2.06
CA LYS C 219 -13.74 -5.76 -1.26
C LYS C 219 -14.18 -5.81 0.20
N VAL C 220 -13.63 -6.76 0.95
CA VAL C 220 -14.11 -7.09 2.30
C VAL C 220 -13.57 -6.09 3.33
N GLU C 221 -14.45 -5.69 4.26
CA GLU C 221 -14.24 -4.61 5.23
C GLU C 221 -14.53 -5.16 6.63
N PRO C 222 -14.36 -4.36 7.69
CA PRO C 222 -14.87 -4.77 8.99
C PRO C 222 -16.37 -4.52 9.08
N LYS C 223 -16.97 -5.04 10.15
CA LYS C 223 -18.41 -5.05 10.27
C LYS C 223 -18.93 -3.84 11.06
N SER C 224 -20.13 -3.96 11.61
CA SER C 224 -20.83 -2.84 12.23
C SER C 224 -20.30 -2.57 13.64
N CYS C 225 -19.87 -1.34 13.89
CA CYS C 225 -19.31 -0.89 15.18
C CYS C 225 -18.61 -1.98 15.98
N SER D 1 -19.24 -58.97 -25.09
CA SER D 1 -18.29 -59.83 -24.41
C SER D 1 -17.15 -58.93 -23.89
N ASP D 2 -17.56 -57.85 -23.23
CA ASP D 2 -16.69 -56.83 -22.65
C ASP D 2 -16.39 -57.15 -21.19
N ILE D 3 -15.20 -56.76 -20.75
CA ILE D 3 -14.69 -57.08 -19.42
C ILE D 3 -15.27 -56.17 -18.34
N GLN D 4 -15.42 -56.72 -17.13
CA GLN D 4 -15.98 -56.02 -15.98
C GLN D 4 -14.92 -55.91 -14.89
N MET D 5 -14.78 -54.73 -14.30
CA MET D 5 -13.82 -54.50 -13.22
C MET D 5 -14.53 -54.28 -11.90
N THR D 6 -14.04 -54.95 -10.87
CA THR D 6 -14.63 -54.86 -9.53
C THR D 6 -13.55 -54.34 -8.59
N GLN D 7 -13.59 -53.05 -8.28
CA GLN D 7 -12.59 -52.47 -7.40
C GLN D 7 -12.99 -52.69 -5.95
N SER D 8 -12.00 -52.94 -5.10
CA SER D 8 -12.24 -53.30 -3.72
C SER D 8 -11.22 -52.65 -2.80
N PRO D 9 -11.68 -51.88 -1.78
CA PRO D 9 -13.07 -51.59 -1.41
C PRO D 9 -13.62 -50.24 -1.87
N SER D 10 -14.82 -49.88 -1.39
CA SER D 10 -15.43 -48.60 -1.74
C SER D 10 -14.82 -47.42 -0.97
N SER D 11 -14.41 -47.64 0.27
CA SER D 11 -13.93 -46.59 1.14
C SER D 11 -12.92 -47.19 2.11
N LEU D 12 -12.06 -46.33 2.67
CA LEU D 12 -10.99 -46.76 3.56
C LEU D 12 -10.58 -45.58 4.45
N SER D 13 -9.88 -45.90 5.54
CA SER D 13 -9.15 -44.93 6.36
C SER D 13 -7.92 -45.64 6.88
N ALA D 14 -6.73 -45.13 6.56
CA ALA D 14 -5.47 -45.74 7.01
C ALA D 14 -4.56 -44.68 7.61
N SER D 15 -3.65 -45.12 8.50
CA SER D 15 -2.70 -44.25 9.16
C SER D 15 -1.61 -43.80 8.19
N VAL D 16 -0.84 -42.81 8.61
CA VAL D 16 0.34 -42.44 7.85
C VAL D 16 1.45 -43.47 8.10
N GLY D 17 2.18 -43.83 7.05
CA GLY D 17 3.13 -44.91 7.12
C GLY D 17 2.55 -46.29 6.93
N ASP D 18 1.22 -46.45 6.97
CA ASP D 18 0.59 -47.74 6.75
C ASP D 18 0.87 -48.25 5.34
N ARG D 19 0.81 -49.56 5.17
CA ARG D 19 0.87 -50.19 3.87
C ARG D 19 -0.55 -50.61 3.49
N VAL D 20 -1.01 -50.17 2.33
CA VAL D 20 -2.34 -50.55 1.86
C VAL D 20 -2.23 -51.02 0.43
N THR D 21 -3.11 -51.97 0.09
CA THR D 21 -3.13 -52.64 -1.19
C THR D 21 -4.54 -52.62 -1.76
N ILE D 22 -4.65 -52.17 -2.99
CA ILE D 22 -5.91 -52.25 -3.72
C ILE D 22 -5.75 -53.37 -4.74
N THR D 23 -6.84 -54.11 -4.98
CA THR D 23 -6.88 -55.15 -6.00
C THR D 23 -8.12 -55.00 -6.87
N CYS D 24 -7.96 -55.33 -8.15
CA CYS D 24 -9.04 -55.36 -9.14
C CYS D 24 -8.98 -56.68 -9.89
N ARG D 25 -10.12 -57.35 -10.02
CA ARG D 25 -10.24 -58.59 -10.78
C ARG D 25 -11.01 -58.35 -12.07
N ALA D 26 -10.63 -59.09 -13.10
CA ALA D 26 -11.24 -58.98 -14.42
C ALA D 26 -12.24 -60.11 -14.68
N SER D 27 -13.36 -59.73 -15.32
CA SER D 27 -14.38 -60.66 -15.82
C SER D 27 -13.77 -61.81 -16.61
N GLN D 28 -12.70 -61.54 -17.35
CA GLN D 28 -11.99 -62.56 -18.11
C GLN D 28 -10.51 -62.15 -18.17
N SER D 29 -9.72 -62.87 -18.97
CA SER D 29 -8.29 -62.57 -19.09
C SER D 29 -8.07 -61.15 -19.61
N VAL D 30 -7.15 -60.44 -18.96
CA VAL D 30 -6.69 -59.16 -19.47
C VAL D 30 -5.18 -59.15 -19.66
N SER D 31 -4.53 -60.32 -19.57
CA SER D 31 -3.08 -60.51 -19.77
C SER D 31 -2.35 -59.60 -18.78
N SER D 32 -1.30 -58.87 -19.19
CA SER D 32 -0.62 -57.90 -18.34
C SER D 32 -0.85 -56.47 -18.84
N ALA D 33 -1.95 -56.25 -19.54
CA ALA D 33 -2.28 -54.94 -20.09
C ALA D 33 -3.18 -54.15 -19.13
N VAL D 34 -2.71 -53.89 -17.91
CA VAL D 34 -3.52 -53.19 -16.91
C VAL D 34 -2.73 -52.03 -16.33
N ALA D 35 -3.41 -50.91 -16.10
CA ALA D 35 -2.81 -49.69 -15.55
C ALA D 35 -3.56 -49.20 -14.31
N TRP D 36 -2.88 -48.40 -13.48
CA TRP D 36 -3.45 -47.83 -12.25
C TRP D 36 -3.28 -46.32 -12.18
N TYR D 37 -4.34 -45.61 -11.74
CA TYR D 37 -4.41 -44.14 -11.72
C TYR D 37 -4.74 -43.60 -10.34
N GLN D 38 -4.17 -42.44 -10.03
CA GLN D 38 -4.52 -41.68 -8.84
C GLN D 38 -5.22 -40.41 -9.26
N GLN D 39 -6.33 -40.10 -8.59
CA GLN D 39 -7.05 -38.87 -8.87
C GLN D 39 -7.32 -38.11 -7.59
N LYS D 40 -6.75 -36.94 -7.50
CA LYS D 40 -7.01 -35.98 -6.46
C LYS D 40 -8.25 -35.16 -6.81
N PRO D 41 -8.94 -34.61 -5.83
CA PRO D 41 -10.17 -33.88 -6.11
C PRO D 41 -9.94 -32.76 -7.11
N GLY D 42 -10.83 -32.67 -8.09
CA GLY D 42 -10.81 -31.59 -9.04
C GLY D 42 -9.86 -31.79 -10.20
N LYS D 43 -8.68 -32.33 -9.95
CA LYS D 43 -7.75 -32.48 -11.04
C LYS D 43 -7.95 -33.81 -11.77
N ALA D 44 -7.29 -33.93 -12.90
CA ALA D 44 -7.32 -35.13 -13.69
C ALA D 44 -6.43 -36.19 -13.08
N PRO D 45 -6.62 -37.44 -13.49
CA PRO D 45 -5.82 -38.54 -12.96
C PRO D 45 -4.36 -38.46 -13.39
N LYS D 46 -3.56 -39.30 -12.76
CA LYS D 46 -2.13 -39.44 -13.05
C LYS D 46 -1.76 -40.92 -12.94
N LEU D 47 -0.99 -41.40 -13.91
CA LEU D 47 -0.63 -42.81 -14.05
C LEU D 47 0.36 -43.26 -13.00
N LEU D 48 0.06 -44.36 -12.31
CA LEU D 48 1.05 -44.89 -11.37
C LEU D 48 1.80 -46.11 -11.91
N ILE D 49 1.10 -47.03 -12.58
CA ILE D 49 1.66 -48.31 -12.99
C ILE D 49 1.12 -48.66 -14.35
N TYR D 50 2.00 -49.01 -15.28
CA TYR D 50 1.51 -49.57 -16.52
C TYR D 50 1.94 -51.03 -16.59
N SER D 51 1.26 -51.80 -17.44
CA SER D 51 1.56 -53.22 -17.58
C SER D 51 1.40 -53.94 -16.24
N ALA D 52 0.32 -53.61 -15.53
CA ALA D 52 0.01 -54.26 -14.26
C ALA D 52 1.09 -54.04 -13.21
N SER D 53 2.35 -53.93 -13.64
CA SER D 53 3.47 -53.86 -12.69
C SER D 53 4.57 -52.86 -13.03
N SER D 54 4.77 -52.46 -14.29
CA SER D 54 5.82 -51.50 -14.62
C SER D 54 5.45 -50.11 -14.13
N LEU D 55 6.44 -49.41 -13.59
CA LEU D 55 6.21 -48.17 -12.90
C LEU D 55 6.47 -47.01 -13.86
N TYR D 56 5.49 -46.11 -13.98
CA TYR D 56 5.60 -45.00 -14.89
C TYR D 56 6.68 -44.04 -14.42
N SER D 57 7.43 -43.50 -15.37
CA SER D 57 8.64 -42.75 -15.05
C SER D 57 8.34 -41.48 -14.26
N GLY D 58 8.67 -41.49 -12.98
CA GLY D 58 8.51 -40.33 -12.13
C GLY D 58 7.60 -40.55 -10.95
N VAL D 59 6.75 -41.56 -10.99
CA VAL D 59 5.93 -41.76 -9.80
C VAL D 59 6.81 -42.19 -8.66
N PRO D 60 6.54 -41.76 -7.42
CA PRO D 60 7.34 -42.20 -6.26
C PRO D 60 7.58 -43.71 -6.13
N SER D 61 8.47 -44.10 -5.20
CA SER D 61 8.88 -45.49 -5.06
C SER D 61 7.87 -46.34 -4.29
N ARG D 62 6.98 -45.73 -3.52
CA ARG D 62 6.08 -46.45 -2.64
C ARG D 62 4.93 -47.13 -3.36
N PHE D 63 4.73 -46.85 -4.65
CA PHE D 63 3.67 -47.50 -5.41
C PHE D 63 4.23 -48.67 -6.22
N SER D 64 3.63 -49.85 -6.06
CA SER D 64 4.00 -50.99 -6.87
C SER D 64 2.73 -51.75 -7.26
N GLY D 65 2.80 -52.42 -8.40
CA GLY D 65 1.69 -53.23 -8.87
C GLY D 65 2.17 -54.62 -9.19
N SER D 66 1.25 -55.57 -9.04
CA SER D 66 1.56 -56.96 -9.33
C SER D 66 0.32 -57.64 -9.87
N ARG D 67 0.55 -58.76 -10.54
CA ARG D 67 -0.48 -59.55 -11.19
C ARG D 67 -0.31 -60.98 -10.73
N SER D 68 -1.39 -61.63 -10.34
CA SER D 68 -1.36 -63.05 -9.99
C SER D 68 -2.35 -63.77 -10.90
N GLY D 69 -1.92 -64.05 -12.13
CA GLY D 69 -2.83 -64.62 -13.10
C GLY D 69 -3.85 -63.61 -13.59
N THR D 70 -5.06 -63.64 -13.02
CA THR D 70 -6.12 -62.67 -13.27
C THR D 70 -6.40 -61.74 -12.09
N ASP D 71 -5.51 -61.71 -11.10
CA ASP D 71 -5.69 -60.95 -9.88
C ASP D 71 -4.73 -59.77 -9.97
N PHE D 72 -5.26 -58.57 -10.02
CA PHE D 72 -4.39 -57.41 -10.17
C PHE D 72 -4.43 -56.61 -8.89
N THR D 73 -3.24 -56.43 -8.29
CA THR D 73 -3.07 -55.74 -7.03
C THR D 73 -2.25 -54.47 -7.22
N LEU D 74 -2.49 -53.50 -6.34
CA LEU D 74 -1.71 -52.27 -6.27
C LEU D 74 -1.40 -52.00 -4.81
N THR D 75 -0.11 -51.92 -4.48
CA THR D 75 0.34 -51.77 -3.11
C THR D 75 1.08 -50.45 -2.96
N ILE D 76 0.73 -49.66 -1.95
CA ILE D 76 1.34 -48.36 -1.73
C ILE D 76 2.06 -48.39 -0.39
N SER D 77 3.41 -48.44 -0.44
CA SER D 77 4.27 -48.83 0.67
C SER D 77 4.14 -47.96 1.92
N SER D 78 4.76 -46.78 1.94
CA SER D 78 4.73 -45.90 3.10
C SER D 78 3.69 -44.83 2.82
N LEU D 79 2.55 -44.93 3.48
CA LEU D 79 1.48 -43.95 3.31
C LEU D 79 1.91 -42.58 3.83
N GLN D 80 1.49 -41.56 3.11
CA GLN D 80 1.82 -40.19 3.43
C GLN D 80 0.57 -39.36 3.23
N PRO D 81 0.46 -38.21 3.89
CA PRO D 81 -0.77 -37.41 3.77
C PRO D 81 -1.00 -36.93 2.35
N GLU D 82 0.07 -36.75 1.58
CA GLU D 82 0.00 -36.42 0.15
C GLU D 82 -0.91 -37.34 -0.66
N ASP D 83 -1.40 -38.43 -0.06
CA ASP D 83 -2.07 -39.50 -0.80
C ASP D 83 -3.58 -39.60 -0.62
N PHE D 84 -4.21 -38.75 0.18
CA PHE D 84 -5.67 -38.76 0.16
C PHE D 84 -6.17 -38.52 -1.26
N ALA D 85 -6.78 -39.53 -1.86
CA ALA D 85 -7.18 -39.49 -3.25
C ALA D 85 -8.26 -40.53 -3.49
N THR D 86 -8.51 -40.78 -4.76
CA THR D 86 -9.37 -41.85 -5.22
C THR D 86 -8.55 -42.64 -6.22
N TYR D 87 -8.55 -43.96 -6.11
CA TYR D 87 -7.66 -44.75 -6.96
C TYR D 87 -8.48 -45.62 -7.88
N TYR D 88 -8.04 -45.69 -9.14
CA TYR D 88 -8.78 -46.41 -10.18
C TYR D 88 -7.85 -47.38 -10.88
N CYS D 89 -8.42 -48.48 -11.35
CA CYS D 89 -7.74 -49.48 -12.15
C CYS D 89 -8.34 -49.51 -13.56
N GLN D 90 -7.51 -49.73 -14.58
CA GLN D 90 -7.96 -49.69 -15.96
C GLN D 90 -7.40 -50.87 -16.73
N GLN D 91 -8.29 -51.61 -17.39
CA GLN D 91 -7.90 -52.67 -18.29
C GLN D 91 -7.92 -52.15 -19.71
N SER D 92 -6.88 -52.45 -20.48
CA SER D 92 -6.89 -52.08 -21.90
C SER D 92 -6.45 -53.22 -22.79
N TYR D 93 -6.74 -54.47 -22.42
CA TYR D 93 -6.35 -55.59 -23.28
C TYR D 93 -7.23 -55.67 -24.53
N SER D 94 -8.53 -55.40 -24.37
CA SER D 94 -9.47 -55.32 -25.48
C SER D 94 -10.54 -54.30 -25.13
N PHE D 95 -11.26 -53.84 -26.16
CA PHE D 95 -12.21 -52.76 -25.94
C PHE D 95 -13.60 -53.30 -25.65
N PRO D 96 -14.43 -52.53 -24.92
CA PRO D 96 -14.12 -51.24 -24.26
C PRO D 96 -13.30 -51.36 -22.96
N SER D 97 -12.57 -50.29 -22.61
CA SER D 97 -11.72 -50.25 -21.43
C SER D 97 -12.57 -49.90 -20.21
N THR D 98 -12.15 -50.38 -19.05
CA THR D 98 -13.00 -50.35 -17.87
C THR D 98 -12.23 -49.81 -16.69
N PHE D 99 -12.86 -48.92 -15.96
CA PHE D 99 -12.32 -48.44 -14.71
C PHE D 99 -13.13 -49.02 -13.58
N GLY D 100 -12.63 -48.86 -12.40
CA GLY D 100 -13.29 -49.40 -11.23
C GLY D 100 -14.25 -48.45 -10.63
N GLN D 101 -15.02 -48.98 -9.66
CA GLN D 101 -15.91 -48.11 -8.88
C GLN D 101 -15.09 -47.06 -8.17
N GLY D 102 -13.83 -47.37 -7.94
CA GLY D 102 -12.89 -46.46 -7.33
C GLY D 102 -12.86 -46.63 -5.84
N THR D 103 -11.67 -46.61 -5.26
CA THR D 103 -11.51 -46.63 -3.82
C THR D 103 -11.03 -45.25 -3.41
N LYS D 104 -11.83 -44.57 -2.61
CA LYS D 104 -11.57 -43.20 -2.19
C LYS D 104 -11.06 -43.28 -0.77
N VAL D 105 -9.75 -43.18 -0.61
CA VAL D 105 -9.12 -43.35 0.69
C VAL D 105 -9.27 -42.08 1.51
N GLU D 106 -9.77 -42.21 2.72
CA GLU D 106 -9.59 -41.17 3.71
C GLU D 106 -8.30 -41.48 4.43
N ILE D 107 -7.85 -40.57 5.28
CA ILE D 107 -6.60 -40.77 6.02
C ILE D 107 -6.89 -40.66 7.50
N LYS D 108 -6.26 -41.57 8.27
CA LYS D 108 -6.43 -41.64 9.71
C LYS D 108 -5.40 -40.71 10.34
N ARG D 109 -5.89 -39.74 11.09
CA ARG D 109 -5.02 -38.73 11.65
C ARG D 109 -5.53 -38.35 13.04
N THR D 110 -4.75 -37.53 13.73
CA THR D 110 -5.03 -37.14 15.11
C THR D 110 -6.36 -36.38 15.24
N VAL D 111 -7.02 -36.59 16.39
CA VAL D 111 -8.20 -35.83 16.75
C VAL D 111 -7.87 -34.34 16.89
N ALA D 112 -8.63 -33.49 16.22
CA ALA D 112 -8.50 -32.04 16.31
C ALA D 112 -9.84 -31.38 16.45
N ALA D 113 -9.97 -30.51 17.42
CA ALA D 113 -11.25 -29.85 17.57
C ALA D 113 -11.36 -28.69 16.58
N PRO D 114 -12.52 -28.50 15.96
CA PRO D 114 -12.67 -27.40 15.00
C PRO D 114 -12.55 -26.04 15.65
N SER D 115 -12.09 -25.08 14.86
CA SER D 115 -12.13 -23.66 15.20
C SER D 115 -13.37 -23.06 14.54
N VAL D 116 -14.28 -22.52 15.35
CA VAL D 116 -15.63 -22.19 14.93
C VAL D 116 -15.81 -20.67 14.79
N PHE D 117 -16.61 -20.26 13.79
CA PHE D 117 -16.93 -18.86 13.57
C PHE D 117 -18.37 -18.74 13.08
N ILE D 118 -19.02 -17.61 13.41
CA ILE D 118 -20.36 -17.30 12.94
C ILE D 118 -20.35 -15.90 12.34
N PHE D 119 -21.09 -15.73 11.25
CA PHE D 119 -21.12 -14.48 10.52
C PHE D 119 -22.54 -13.95 10.45
N PRO D 120 -22.76 -12.68 10.73
CA PRO D 120 -24.03 -12.08 10.39
C PRO D 120 -24.17 -12.05 8.88
N PRO D 121 -25.38 -12.25 8.37
CA PRO D 121 -25.62 -12.10 6.93
C PRO D 121 -25.36 -10.67 6.48
N SER D 122 -24.47 -10.53 5.49
CA SER D 122 -24.19 -9.23 4.94
C SER D 122 -25.49 -8.52 4.63
N ASP D 123 -25.55 -7.23 4.95
CA ASP D 123 -26.79 -6.51 4.80
C ASP D 123 -27.04 -6.12 3.34
N GLU D 124 -25.97 -6.13 2.53
CA GLU D 124 -26.09 -6.05 1.07
C GLU D 124 -26.98 -7.15 0.53
N GLN D 125 -27.00 -8.30 1.21
CA GLN D 125 -27.86 -9.40 0.82
C GLN D 125 -29.29 -9.23 1.34
N LEU D 126 -29.46 -8.54 2.47
CA LEU D 126 -30.80 -8.18 2.90
C LEU D 126 -31.42 -7.10 2.01
N LYS D 127 -30.62 -6.42 1.19
CA LYS D 127 -31.18 -5.51 0.20
C LYS D 127 -32.08 -6.23 -0.78
N SER D 128 -32.01 -7.56 -0.85
CA SER D 128 -32.76 -8.34 -1.83
C SER D 128 -33.81 -9.22 -1.18
N GLY D 129 -34.02 -9.11 0.13
CA GLY D 129 -34.96 -9.99 0.80
C GLY D 129 -34.45 -11.39 1.02
N THR D 130 -33.22 -11.53 1.53
CA THR D 130 -32.62 -12.86 1.69
C THR D 130 -31.73 -12.88 2.93
N ALA D 131 -31.53 -14.08 3.48
CA ALA D 131 -30.80 -14.29 4.74
C ALA D 131 -29.66 -15.28 4.55
N SER D 132 -28.49 -14.95 5.10
CA SER D 132 -27.32 -15.82 5.01
C SER D 132 -26.54 -15.75 6.33
N VAL D 133 -27.15 -16.26 7.40
CA VAL D 133 -26.39 -16.61 8.59
C VAL D 133 -25.57 -17.86 8.28
N VAL D 134 -24.37 -17.94 8.84
CA VAL D 134 -23.45 -19.00 8.43
C VAL D 134 -22.45 -19.28 9.56
N CYS D 135 -22.23 -20.58 9.79
CA CYS D 135 -21.33 -21.11 10.80
C CYS D 135 -20.17 -21.81 10.08
N LEU D 136 -19.04 -21.90 10.76
CA LEU D 136 -17.79 -22.33 10.14
C LEU D 136 -17.05 -23.28 11.06
N LEU D 137 -16.55 -24.39 10.51
CA LEU D 137 -15.64 -25.29 11.22
C LEU D 137 -14.36 -25.38 10.41
N ASN D 138 -13.29 -24.78 10.90
CA ASN D 138 -12.05 -24.73 10.14
C ASN D 138 -11.07 -25.76 10.71
N ASN D 139 -10.56 -26.60 9.83
CA ASN D 139 -9.46 -27.51 10.10
C ASN D 139 -9.75 -28.35 11.34
N PHE D 140 -10.49 -29.46 11.14
CA PHE D 140 -10.84 -30.38 12.23
C PHE D 140 -10.77 -31.80 11.72
N TYR D 141 -10.85 -32.75 12.66
CA TYR D 141 -10.77 -34.19 12.38
C TYR D 141 -11.27 -34.97 13.59
N PRO D 142 -11.94 -36.11 13.41
CA PRO D 142 -12.34 -36.70 12.14
C PRO D 142 -13.55 -35.98 11.58
N ARG D 143 -14.06 -36.44 10.43
CA ARG D 143 -15.06 -35.67 9.71
C ARG D 143 -16.40 -35.66 10.43
N GLU D 144 -16.80 -36.79 11.03
CA GLU D 144 -18.16 -36.89 11.55
C GLU D 144 -18.31 -35.93 12.73
N ALA D 145 -19.03 -34.85 12.48
CA ALA D 145 -19.24 -33.76 13.42
C ALA D 145 -20.53 -33.08 13.02
N LYS D 146 -21.32 -32.70 14.02
CA LYS D 146 -22.67 -32.21 13.78
C LYS D 146 -22.75 -30.74 14.20
N VAL D 147 -23.33 -29.95 13.34
CA VAL D 147 -23.61 -28.54 13.62
C VAL D 147 -25.07 -28.45 14.01
N GLN D 148 -25.36 -27.64 15.01
CA GLN D 148 -26.72 -27.46 15.47
C GLN D 148 -27.09 -25.99 15.30
N TRP D 149 -28.31 -25.73 14.84
CA TRP D 149 -28.80 -24.37 14.67
C TRP D 149 -29.86 -24.02 15.71
N LYS D 150 -29.70 -22.86 16.35
CA LYS D 150 -30.73 -22.23 17.16
C LYS D 150 -30.80 -20.75 16.81
N VAL D 151 -32.00 -20.18 16.95
CA VAL D 151 -32.21 -18.74 16.79
C VAL D 151 -33.13 -18.32 17.94
N ASP D 152 -32.59 -17.54 18.88
CA ASP D 152 -33.30 -17.22 20.13
C ASP D 152 -33.69 -18.49 20.89
N ASN D 153 -32.75 -19.42 20.98
CA ASN D 153 -32.95 -20.72 21.63
C ASN D 153 -34.02 -21.55 20.94
N ALA D 154 -34.63 -21.02 19.89
CA ALA D 154 -35.56 -21.80 19.09
C ALA D 154 -34.70 -22.64 18.15
N LEU D 155 -34.58 -23.92 18.46
CA LEU D 155 -33.83 -24.83 17.60
C LEU D 155 -34.41 -24.79 16.20
N GLN D 156 -33.55 -24.81 15.20
CA GLN D 156 -34.03 -24.78 13.85
C GLN D 156 -33.78 -26.13 13.20
N SER D 157 -34.65 -26.46 12.25
CA SER D 157 -34.59 -27.74 11.57
C SER D 157 -35.18 -27.57 10.18
N GLY D 158 -34.66 -28.34 9.24
CA GLY D 158 -35.17 -28.28 7.89
C GLY D 158 -34.88 -26.98 7.17
N ASN D 159 -33.88 -26.23 7.62
CA ASN D 159 -33.53 -24.95 7.02
C ASN D 159 -32.03 -24.77 6.82
N SER D 160 -31.24 -25.82 7.05
CA SER D 160 -29.78 -25.71 7.12
C SER D 160 -29.12 -26.63 6.11
N GLN D 161 -28.07 -26.14 5.48
CA GLN D 161 -27.32 -26.87 4.47
C GLN D 161 -25.87 -26.97 4.91
N GLU D 162 -25.32 -28.17 4.96
CA GLU D 162 -23.88 -28.33 5.16
C GLU D 162 -23.14 -28.60 3.87
N SER D 163 -21.92 -28.05 3.79
CA SER D 163 -20.94 -28.36 2.77
C SER D 163 -19.57 -28.46 3.44
N VAL D 164 -18.80 -29.47 3.07
CA VAL D 164 -17.57 -29.82 3.76
C VAL D 164 -16.46 -29.98 2.74
N THR D 165 -15.25 -29.53 3.09
CA THR D 165 -14.12 -29.66 2.19
C THR D 165 -13.69 -31.10 2.06
N GLU D 166 -12.93 -31.37 1.01
CA GLU D 166 -12.23 -32.64 0.97
C GLU D 166 -11.09 -32.59 1.98
N GLN D 167 -10.53 -33.75 2.27
CA GLN D 167 -9.44 -33.82 3.23
C GLN D 167 -8.27 -32.97 2.73
N ASP D 168 -7.64 -32.24 3.65
CA ASP D 168 -6.49 -31.45 3.29
C ASP D 168 -5.35 -32.39 2.96
N SER D 169 -4.64 -32.12 1.89
CA SER D 169 -3.64 -33.08 1.45
C SER D 169 -2.37 -33.05 2.29
N LYS D 170 -2.16 -32.03 3.13
CA LYS D 170 -0.96 -31.93 3.94
C LYS D 170 -1.23 -32.14 5.43
N ASP D 171 -2.13 -31.39 6.07
CA ASP D 171 -2.41 -31.68 7.49
C ASP D 171 -3.67 -32.52 7.69
N SER D 172 -4.31 -32.96 6.61
CA SER D 172 -5.41 -33.92 6.67
C SER D 172 -6.53 -33.48 7.60
N THR D 173 -6.71 -32.19 7.75
CA THR D 173 -7.85 -31.65 8.48
C THR D 173 -8.97 -31.35 7.50
N TYR D 174 -10.20 -31.31 8.02
CA TYR D 174 -11.35 -30.97 7.19
C TYR D 174 -11.81 -29.57 7.54
N SER D 175 -12.75 -29.06 6.75
CA SER D 175 -13.38 -27.79 7.09
C SER D 175 -14.81 -27.82 6.59
N LEU D 176 -15.73 -27.23 7.38
CA LEU D 176 -17.16 -27.35 7.11
C LEU D 176 -17.85 -25.99 7.24
N SER D 177 -18.81 -25.75 6.36
CA SER D 177 -19.66 -24.57 6.42
C SER D 177 -21.12 -24.98 6.36
N SER D 178 -21.82 -24.86 7.50
CA SER D 178 -23.26 -25.02 7.52
C SER D 178 -23.88 -23.64 7.38
N THR D 179 -24.63 -23.43 6.30
CA THR D 179 -25.25 -22.14 6.05
C THR D 179 -26.76 -22.33 6.08
N LEU D 180 -27.40 -21.65 7.03
CA LEU D 180 -28.83 -21.71 7.24
C LEU D 180 -29.51 -20.62 6.44
N THR D 181 -30.56 -20.98 5.71
CA THR D 181 -31.32 -20.07 4.86
C THR D 181 -32.65 -19.73 5.53
N LEU D 182 -32.93 -18.43 5.67
CA LEU D 182 -34.17 -17.97 6.30
C LEU D 182 -34.67 -16.72 5.59
N SER D 183 -35.65 -16.06 6.21
CA SER D 183 -36.38 -14.92 5.67
C SER D 183 -35.61 -13.62 5.90
N LYS D 184 -36.09 -12.55 5.24
CA LYS D 184 -35.53 -11.21 5.41
C LYS D 184 -36.09 -10.45 6.62
N ALA D 185 -37.30 -10.79 7.09
CA ALA D 185 -37.86 -10.12 8.26
C ALA D 185 -37.04 -10.38 9.52
N ASP D 186 -36.60 -11.62 9.70
CA ASP D 186 -36.03 -12.22 10.90
C ASP D 186 -34.66 -11.66 11.33
N TYR D 187 -34.06 -10.68 10.63
CA TYR D 187 -32.72 -10.25 10.99
C TYR D 187 -32.71 -9.48 12.31
N GLU D 188 -33.53 -8.43 12.40
CA GLU D 188 -33.69 -7.75 13.67
C GLU D 188 -34.85 -8.32 14.48
N LYS D 189 -35.52 -9.36 13.98
CA LYS D 189 -36.64 -9.95 14.71
C LYS D 189 -36.12 -10.77 15.90
N HIS D 190 -35.24 -11.72 15.63
CA HIS D 190 -34.64 -12.53 16.67
C HIS D 190 -33.27 -11.95 17.04
N LYS D 191 -32.71 -12.45 18.14
CA LYS D 191 -31.55 -11.81 18.74
C LYS D 191 -30.25 -12.56 18.45
N VAL D 192 -30.18 -13.83 18.83
CA VAL D 192 -28.93 -14.58 18.83
C VAL D 192 -28.89 -15.53 17.66
N TYR D 193 -27.68 -15.83 17.21
CA TYR D 193 -27.42 -16.66 16.05
C TYR D 193 -26.54 -17.79 16.58
N ALA D 194 -27.19 -18.82 17.12
CA ALA D 194 -26.49 -19.86 17.86
C ALA D 194 -26.12 -21.04 16.97
N CYS D 195 -24.95 -21.61 17.24
CA CYS D 195 -24.47 -22.75 16.47
C CYS D 195 -23.65 -23.65 17.37
N GLU D 196 -24.11 -24.89 17.56
CA GLU D 196 -23.39 -25.87 18.38
C GLU D 196 -22.73 -26.91 17.49
N VAL D 197 -21.50 -27.26 17.83
CA VAL D 197 -20.82 -28.38 17.20
C VAL D 197 -20.53 -29.40 18.30
N THR D 198 -20.82 -30.67 18.01
CA THR D 198 -20.62 -31.75 18.96
C THR D 198 -19.54 -32.71 18.47
N HIS D 199 -18.60 -32.18 17.68
CA HIS D 199 -17.51 -32.98 17.16
C HIS D 199 -16.74 -33.60 18.32
N GLN D 200 -16.05 -34.70 18.04
CA GLN D 200 -15.48 -35.47 19.13
C GLN D 200 -14.09 -35.03 19.51
N GLY D 201 -13.56 -34.00 18.87
CA GLY D 201 -12.48 -33.30 19.52
C GLY D 201 -12.93 -32.40 20.65
N LEU D 202 -14.22 -32.44 20.99
CA LEU D 202 -14.81 -31.59 22.02
C LEU D 202 -15.25 -32.48 23.18
N SER D 203 -14.56 -32.33 24.32
CA SER D 203 -15.10 -32.83 25.57
C SER D 203 -16.56 -32.43 25.69
N SER D 204 -16.81 -31.12 25.61
CA SER D 204 -18.14 -30.58 25.63
C SER D 204 -18.44 -29.87 24.32
N PRO D 205 -19.70 -29.87 23.88
CA PRO D 205 -20.06 -29.19 22.63
C PRO D 205 -19.79 -27.69 22.70
N VAL D 206 -19.17 -27.17 21.63
CA VAL D 206 -18.84 -25.76 21.51
C VAL D 206 -20.01 -25.01 20.85
N THR D 207 -20.38 -23.86 21.42
CA THR D 207 -21.44 -23.04 20.85
C THR D 207 -21.10 -21.56 21.00
N LYS D 208 -21.22 -20.80 19.92
CA LYS D 208 -21.07 -19.35 19.88
C LYS D 208 -22.27 -18.71 19.19
N SER D 209 -22.31 -17.37 19.19
CA SER D 209 -23.50 -16.66 18.72
C SER D 209 -23.11 -15.25 18.25
N PHE D 210 -24.11 -14.36 18.17
CA PHE D 210 -23.96 -13.01 17.64
C PHE D 210 -25.03 -12.14 18.28
N ASN D 211 -25.22 -10.94 17.72
CA ASN D 211 -26.17 -9.92 18.15
C ASN D 211 -27.27 -9.71 17.09
N ARG D 212 -28.08 -8.67 17.30
CA ARG D 212 -29.26 -8.43 16.47
C ARG D 212 -28.90 -7.65 15.21
N GLY D 213 -29.17 -6.35 15.18
CA GLY D 213 -28.98 -5.63 13.94
C GLY D 213 -27.54 -5.30 13.62
N GLU D 214 -26.94 -4.38 14.36
CA GLU D 214 -25.53 -4.05 14.21
C GLU D 214 -24.71 -4.88 15.18
N CYS D 215 -23.46 -4.47 15.41
CA CYS D 215 -22.55 -5.11 16.38
C CYS D 215 -22.42 -6.62 16.21
S SO4 I . 31.23 63.60 13.57
O1 SO4 I . 31.26 62.34 12.84
O2 SO4 I . 30.24 63.53 14.65
O3 SO4 I . 30.84 64.65 12.63
O4 SO4 I . 32.55 63.85 14.13
S SO4 J . 0.35 -63.46 -20.95
O1 SO4 J . 0.66 -64.77 -21.48
O2 SO4 J . -0.72 -63.58 -19.94
O3 SO4 J . -0.08 -62.63 -22.07
O4 SO4 J . 1.55 -62.88 -20.33
#